data_5XWW
#
_entry.id   5XWW
#
_cell.length_a   61.066
_cell.length_b   63.627
_cell.length_c   71.586
_cell.angle_alpha   72.67
_cell.angle_beta   67.21
_cell.angle_gamma   89.88
#
_symmetry.space_group_name_H-M   'P 1'
#
loop_
_entity.id
_entity.type
_entity.pdbx_description
1 polymer AmphB
2 non-polymer 'NADP NICOTINAMIDE-ADENINE-DINUCLEOTIDE PHOSPHATE'
3 non-polymer 'S-[2-[3-[[(2R)-3,3-dimethyl-2,4-bis(oxidanyl)butanoyl]amino]propanoylamino]ethyl] (2R)-2-methyl-3-oxidanylidene-pentanethioate'
4 water water
#
_entity_poly.entity_id   1
_entity_poly.type   'polypeptide(L)'
_entity_poly.pdbx_seq_one_letter_code
;MGSSHHHHHHSSGLVPRGSHMDALRYHIEWNRVAEPGTARPAGRLLAVISPDHAGAPWVTAVLDALGPDTVRFEAKGTDR
AAWAAQLAQLREDEGEFHAVVSLLAAAEALHTDHGSVPLGLAQTLLLAQALGDAGLTAPLWCLTRGGVAAGRGDVLSSPV
QGALWGLGRVIGLEHPDRWGGLIDLPETVDTRAAARLTGLLADAGGEDQLAIRGSGVLARRLAHAAPAVPGSGKRPPVHG
SVLVTGGTGGIGGRVARRLAEQGAAHLVLTSRRGADAPGAAELRAELEQLGVRVTIAACDAADREALAALLAELPEDAPL
TAVFHSAGVAHDDAPVADLTLGQLDALMRAKLTAARHLHELTADLDLDAFVLFSSTAAVWGSGGHPGYAAANAYLDALAE
HRRSLGLTASSVAWGTWGEVGMATDPEVHDRLVRQGVLAMEPEHALGALDQMLENDDTAAAITLMDWEMFAPAFTANRPS
ALLSTVPEAVSALSDE
;
_entity_poly.pdbx_strand_id   A,B
#
loop_
_chem_comp.id
_chem_comp.type
_chem_comp.name
_chem_comp.formula
8H6 non-polymer 'S-[2-[3-[[(2R)-3,3-dimethyl-2,4-bis(oxidanyl)butanoyl]amino]propanoylamino]ethyl] (2R)-2-methyl-3-oxidanylidene-pentanethioate' 'C17 H30 N2 O6 S'
NAP non-polymer 'NADP NICOTINAMIDE-ADENINE-DINUCLEOTIDE PHOSPHATE' 'C21 H28 N7 O17 P3'
#
# COMPACT_ATOMS: atom_id res chain seq x y z
N GLY A 18 10.35 -16.59 -6.76
CA GLY A 18 10.12 -15.16 -7.12
C GLY A 18 9.10 -14.49 -6.22
N SER A 19 7.89 -15.04 -6.15
CA SER A 19 6.86 -14.50 -5.27
C SER A 19 7.10 -14.96 -3.84
N HIS A 20 7.80 -16.09 -3.68
CA HIS A 20 8.24 -16.55 -2.37
C HIS A 20 9.25 -15.57 -1.76
N MET A 21 10.18 -15.08 -2.58
CA MET A 21 11.10 -14.06 -2.14
C MET A 21 10.46 -12.69 -1.93
N ASP A 22 9.51 -12.33 -2.81
CA ASP A 22 8.68 -11.13 -2.60
C ASP A 22 8.05 -11.15 -1.21
N ALA A 23 7.51 -12.30 -0.82
CA ALA A 23 6.77 -12.44 0.44
C ALA A 23 7.64 -12.24 1.68
N LEU A 24 8.96 -12.24 1.51
CA LEU A 24 9.88 -11.96 2.62
C LEU A 24 10.05 -10.47 2.88
N ARG A 25 9.69 -9.64 1.90
CA ARG A 25 10.07 -8.23 1.94
C ARG A 25 8.94 -7.34 2.45
N TYR A 26 9.29 -6.48 3.40
CA TYR A 26 8.35 -5.53 3.99
C TYR A 26 8.98 -4.16 3.98
N HIS A 27 8.16 -3.14 4.23
CA HIS A 27 8.54 -1.77 4.00
C HIS A 27 7.84 -0.91 5.07
N ILE A 28 8.60 -0.06 5.73
CA ILE A 28 8.03 0.96 6.61
C ILE A 28 7.45 2.15 5.82
N GLU A 29 6.20 2.48 6.11
CA GLU A 29 5.56 3.64 5.50
C GLU A 29 4.83 4.47 6.57
N TRP A 30 4.44 5.68 6.19
CA TRP A 30 3.86 6.62 7.11
C TRP A 30 2.52 7.05 6.54
N ASN A 31 1.45 6.85 7.31
CA ASN A 31 0.11 7.19 6.87
C ASN A 31 -0.43 8.33 7.72
N ARG A 32 -1.31 9.13 7.12
CA ARG A 32 -1.97 10.20 7.86
C ARG A 32 -2.93 9.64 8.88
N VAL A 33 -2.91 10.19 10.09
CA VAL A 33 -3.90 9.86 11.11
C VAL A 33 -4.66 11.10 11.53
N ALA A 34 -5.53 10.95 12.53
CA ALA A 34 -6.48 12.00 12.87
C ALA A 34 -5.73 13.21 13.42
N GLU A 35 -6.26 14.39 13.13
CA GLU A 35 -5.92 15.58 13.92
C GLU A 35 -6.35 15.37 15.37
N PRO A 36 -5.45 15.64 16.32
CA PRO A 36 -5.86 15.41 17.70
C PRO A 36 -6.75 16.52 18.22
N GLY A 37 -7.18 16.38 19.47
CA GLY A 37 -8.02 17.37 20.11
C GLY A 37 -7.23 18.59 20.52
N THR A 38 -7.95 19.57 21.06
CA THR A 38 -7.44 20.92 21.18
C THR A 38 -7.20 21.26 22.64
N ALA A 39 -7.41 20.30 23.52
CA ALA A 39 -7.22 20.52 24.96
C ALA A 39 -5.85 20.01 25.37
N ARG A 40 -5.15 20.80 26.15
CA ARG A 40 -3.92 20.35 26.79
C ARG A 40 -4.28 19.29 27.83
N PRO A 41 -3.33 18.41 28.15
CA PRO A 41 -3.54 17.46 29.23
C PRO A 41 -4.02 18.13 30.50
N ALA A 42 -4.96 17.48 31.18
CA ALA A 42 -5.48 17.98 32.46
C ALA A 42 -4.36 18.08 33.50
N GLY A 43 -3.67 16.98 33.71
CA GLY A 43 -2.62 16.92 34.72
C GLY A 43 -1.39 17.70 34.28
N ARG A 44 -0.40 17.76 35.16
CA ARG A 44 0.83 18.46 34.87
C ARG A 44 1.78 17.55 34.12
N LEU A 45 2.52 18.13 33.18
CA LEU A 45 3.59 17.45 32.50
C LEU A 45 4.92 17.59 33.23
N LEU A 46 5.79 16.60 33.03
CA LEU A 46 7.19 16.74 33.41
C LEU A 46 8.05 16.71 32.15
N ALA A 47 8.83 17.76 31.97
CA ALA A 47 9.71 17.88 30.82
C ALA A 47 11.17 17.67 31.23
N VAL A 48 11.83 16.75 30.55
CA VAL A 48 13.22 16.41 30.86
C VAL A 48 14.14 16.95 29.79
N ILE A 49 15.11 17.75 30.24
CA ILE A 49 15.98 18.50 29.36
C ILE A 49 17.44 18.15 29.64
N SER A 50 18.24 18.11 28.59
CA SER A 50 19.68 17.88 28.72
C SER A 50 20.37 19.23 28.79
N PRO A 51 20.93 19.57 29.96
CA PRO A 51 21.19 20.97 30.26
C PRO A 51 22.18 21.63 29.29
N ASP A 52 23.14 20.87 28.76
CA ASP A 52 24.13 21.45 27.85
C ASP A 52 23.65 21.44 26.39
N HIS A 53 22.42 20.98 26.17
CA HIS A 53 21.92 20.74 24.83
C HIS A 53 20.43 21.05 24.80
N ALA A 54 20.07 22.20 25.37
CA ALA A 54 18.69 22.65 25.41
C ALA A 54 18.55 23.93 24.60
N GLY A 55 19.51 24.17 23.72
CA GLY A 55 19.59 25.41 22.96
C GLY A 55 18.88 25.34 21.62
N ALA A 56 18.67 24.12 21.13
CA ALA A 56 18.18 23.92 19.76
C ALA A 56 16.80 24.56 19.62
N PRO A 57 16.49 25.11 18.44
CA PRO A 57 15.24 25.83 18.27
C PRO A 57 14.02 24.99 18.62
N TRP A 58 14.02 23.72 18.21
CA TRP A 58 12.85 22.87 18.42
C TRP A 58 12.62 22.57 19.92
N VAL A 59 13.70 22.57 20.69
CA VAL A 59 13.60 22.32 22.12
C VAL A 59 12.90 23.50 22.82
N THR A 60 13.31 24.70 22.45
CA THR A 60 12.69 25.92 22.91
C THR A 60 11.21 25.96 22.54
N ALA A 61 10.90 25.61 21.29
CA ALA A 61 9.51 25.69 20.80
C ALA A 61 8.64 24.69 21.54
N VAL A 62 9.18 23.50 21.83
CA VAL A 62 8.43 22.50 22.56
C VAL A 62 8.19 22.97 24.00
N LEU A 63 9.24 23.46 24.67
CA LEU A 63 9.08 23.92 26.04
C LEU A 63 8.02 25.01 26.11
N ASP A 64 8.02 25.88 25.12
CA ASP A 64 7.02 26.93 25.05
C ASP A 64 5.61 26.34 24.83
N ALA A 65 5.50 25.32 23.99
CA ALA A 65 4.21 24.67 23.75
C ALA A 65 3.64 23.96 24.98
N LEU A 66 4.51 23.36 25.79
CA LEU A 66 4.07 22.65 27.00
C LEU A 66 3.59 23.63 28.07
N GLY A 67 4.05 24.87 27.99
CA GLY A 67 3.52 25.93 28.83
C GLY A 67 4.21 26.00 30.17
N PRO A 68 3.96 27.09 30.92
CA PRO A 68 4.71 27.39 32.14
C PRO A 68 4.42 26.48 33.32
N ASP A 69 3.25 25.83 33.32
CA ASP A 69 2.83 24.93 34.41
C ASP A 69 3.68 23.64 34.43
N THR A 70 4.28 23.34 33.29
CA THR A 70 5.07 22.11 33.13
C THR A 70 6.31 22.12 34.02
N VAL A 71 6.53 21.04 34.78
CA VAL A 71 7.69 20.96 35.66
C VAL A 71 8.88 20.55 34.84
N ARG A 72 10.03 21.17 35.09
CA ARG A 72 11.23 20.85 34.35
C ARG A 72 12.22 20.08 35.19
N PHE A 73 12.81 19.05 34.60
CA PHE A 73 13.89 18.32 35.23
C PHE A 73 15.11 18.39 34.32
N GLU A 74 16.22 18.88 34.85
CA GLU A 74 17.46 18.92 34.10
C GLU A 74 18.27 17.67 34.39
N ALA A 75 18.45 16.85 33.36
CA ALA A 75 19.18 15.61 33.49
C ALA A 75 20.68 15.86 33.30
N LYS A 76 21.39 15.95 34.41
CA LYS A 76 22.82 16.26 34.40
C LYS A 76 23.65 14.97 34.39
N GLY A 77 24.59 14.89 33.45
CA GLY A 77 25.49 13.74 33.38
C GLY A 77 24.75 12.47 33.04
N THR A 78 25.23 11.35 33.59
CA THR A 78 24.57 10.07 33.43
C THR A 78 24.73 9.26 34.72
N ASP A 79 23.98 9.64 35.74
CA ASP A 79 24.06 8.99 37.06
C ASP A 79 22.68 8.46 37.43
N ARG A 80 22.49 7.16 37.26
CA ARG A 80 21.17 6.55 37.45
C ARG A 80 20.62 6.82 38.86
N ALA A 81 21.44 6.56 39.87
CA ALA A 81 21.03 6.70 41.28
C ALA A 81 20.68 8.14 41.63
N ALA A 82 21.47 9.09 41.18
CA ALA A 82 21.21 10.50 41.49
C ALA A 82 19.87 10.93 40.89
N TRP A 83 19.62 10.55 39.65
CA TRP A 83 18.36 10.91 38.99
C TRP A 83 17.17 10.25 39.67
N ALA A 84 17.31 8.98 40.02
CA ALA A 84 16.24 8.27 40.73
C ALA A 84 15.81 9.01 42.01
N ALA A 85 16.79 9.56 42.72
CA ALA A 85 16.54 10.29 43.98
C ALA A 85 15.92 11.67 43.73
N GLN A 86 16.38 12.33 42.67
CA GLN A 86 15.79 13.58 42.22
C GLN A 86 14.36 13.41 41.73
N LEU A 87 14.13 12.37 40.95
CA LEU A 87 12.80 12.11 40.44
C LEU A 87 11.83 11.73 41.57
N ALA A 88 12.32 11.00 42.56
CA ALA A 88 11.50 10.60 43.70
C ALA A 88 11.09 11.83 44.50
N GLN A 89 12.05 12.73 44.71
CA GLN A 89 11.79 14.01 45.37
C GLN A 89 10.74 14.82 44.62
N LEU A 90 10.88 14.90 43.30
CA LEU A 90 9.97 15.69 42.47
C LEU A 90 8.55 15.15 42.58
N ARG A 91 8.42 13.85 42.45
CA ARG A 91 7.12 13.23 42.61
C ARG A 91 6.56 13.56 44.00
N GLU A 92 7.37 13.35 45.03
CA GLU A 92 6.97 13.73 46.39
C GLU A 92 6.38 15.14 46.38
N ASP A 93 7.18 16.09 45.95
CA ASP A 93 6.84 17.52 46.05
C ASP A 93 5.68 17.90 45.13
N GLU A 94 5.74 17.46 43.88
CA GLU A 94 4.92 18.03 42.83
C GLU A 94 3.74 17.14 42.46
N GLY A 95 3.68 15.94 43.03
CA GLY A 95 2.60 14.98 42.75
C GLY A 95 2.89 14.12 41.54
N GLU A 96 1.93 13.31 41.13
CA GLU A 96 2.10 12.50 39.92
C GLU A 96 1.74 13.31 38.67
N PHE A 97 2.25 12.86 37.53
CA PHE A 97 2.24 13.67 36.32
C PHE A 97 1.33 12.99 35.30
N HIS A 98 0.86 13.74 34.32
CA HIS A 98 0.06 13.14 33.25
C HIS A 98 0.98 12.35 32.32
N ALA A 99 2.16 12.90 32.06
CA ALA A 99 3.16 12.26 31.19
C ALA A 99 4.51 12.90 31.42
N VAL A 100 5.54 12.20 30.97
CA VAL A 100 6.91 12.70 30.98
C VAL A 100 7.32 12.92 29.53
N VAL A 101 7.78 14.13 29.21
CA VAL A 101 8.16 14.48 27.86
C VAL A 101 9.66 14.72 27.84
N SER A 102 10.37 13.80 27.18
CA SER A 102 11.83 13.87 27.12
C SER A 102 12.28 14.65 25.88
N LEU A 103 13.17 15.60 26.13
CA LEU A 103 13.85 16.36 25.09
C LEU A 103 15.33 16.00 25.02
N LEU A 104 15.67 14.85 25.57
CA LEU A 104 17.07 14.44 25.66
C LEU A 104 17.72 14.14 24.33
N ALA A 105 16.91 13.85 23.30
CA ALA A 105 17.44 13.50 21.97
C ALA A 105 18.29 14.60 21.34
N ALA A 106 18.05 15.83 21.75
CA ALA A 106 18.80 16.96 21.23
C ALA A 106 20.29 16.84 21.55
N ALA A 107 20.65 16.04 22.56
CA ALA A 107 22.07 15.79 22.87
C ALA A 107 22.66 14.77 21.92
N GLU A 108 23.18 15.25 20.80
CA GLU A 108 23.73 14.40 19.75
C GLU A 108 25.22 14.11 19.94
N ALA A 109 25.90 14.96 20.72
CA ALA A 109 27.33 14.77 20.98
C ALA A 109 27.57 13.40 21.60
N LEU A 110 28.67 12.77 21.21
CA LEU A 110 29.04 11.47 21.79
C LEU A 110 29.45 11.60 23.26
N HIS A 111 29.10 10.58 24.03
CA HIS A 111 29.36 10.60 25.46
C HIS A 111 30.88 10.58 25.67
N THR A 112 31.33 11.43 26.58
CA THR A 112 32.75 11.56 26.93
C THR A 112 33.45 10.23 27.24
N ASP A 113 32.77 9.32 27.93
CA ASP A 113 33.37 8.06 28.36
C ASP A 113 33.02 6.86 27.49
N HIS A 114 32.11 7.04 26.54
CA HIS A 114 31.63 5.93 25.71
C HIS A 114 31.44 6.44 24.30
N GLY A 115 32.48 6.27 23.48
CA GLY A 115 32.65 7.07 22.28
C GLY A 115 31.69 6.68 21.16
N SER A 116 30.95 5.60 21.37
CA SER A 116 30.00 5.15 20.37
C SER A 116 28.56 5.44 20.78
N VAL A 117 28.39 6.05 21.96
CA VAL A 117 27.05 6.31 22.48
C VAL A 117 26.73 7.79 22.45
N PRO A 118 25.76 8.20 21.62
CA PRO A 118 25.31 9.59 21.70
C PRO A 118 24.82 9.90 23.10
N LEU A 119 25.16 11.06 23.64
CA LEU A 119 24.79 11.42 25.02
C LEU A 119 23.28 11.32 25.24
N GLY A 120 22.51 11.82 24.29
CA GLY A 120 21.06 11.78 24.42
C GLY A 120 20.50 10.38 24.52
N LEU A 121 21.11 9.44 23.82
CA LEU A 121 20.70 8.04 23.87
C LEU A 121 21.03 7.44 25.24
N ALA A 122 22.24 7.70 25.73
CA ALA A 122 22.63 7.33 27.07
C ALA A 122 21.65 7.87 28.08
N GLN A 123 21.35 9.15 27.99
CA GLN A 123 20.50 9.81 28.99
C GLN A 123 19.06 9.31 28.91
N THR A 124 18.57 9.02 27.71
CA THR A 124 17.24 8.44 27.56
C THR A 124 17.13 7.07 28.24
N LEU A 125 18.13 6.20 28.02
CA LEU A 125 18.17 4.92 28.72
C LEU A 125 18.08 5.14 30.23
N LEU A 126 18.99 5.95 30.75
CA LEU A 126 19.09 6.16 32.18
C LEU A 126 17.80 6.78 32.73
N LEU A 127 17.17 7.64 31.93
CA LEU A 127 15.88 8.24 32.35
C LEU A 127 14.82 7.15 32.49
N ALA A 128 14.71 6.29 31.48
CA ALA A 128 13.75 5.20 31.51
C ALA A 128 14.00 4.27 32.70
N GLN A 129 15.27 4.04 33.02
CA GLN A 129 15.65 3.28 34.22
C GLN A 129 15.27 4.01 35.49
N ALA A 130 15.62 5.29 35.59
CA ALA A 130 15.44 6.02 36.84
C ALA A 130 13.96 6.31 37.16
N LEU A 131 13.15 6.50 36.12
CA LEU A 131 11.71 6.67 36.32
C LEU A 131 11.08 5.44 36.96
N GLY A 132 11.46 4.27 36.45
CA GLY A 132 11.08 3.00 37.09
C GLY A 132 11.57 2.91 38.51
N ASP A 133 12.83 3.25 38.74
CA ASP A 133 13.41 3.19 40.09
C ASP A 133 12.59 4.04 41.05
N ALA A 134 12.15 5.19 40.58
CA ALA A 134 11.54 6.19 41.46
C ALA A 134 10.04 5.97 41.60
N GLY A 135 9.48 5.12 40.75
CA GLY A 135 8.05 4.88 40.77
C GLY A 135 7.24 5.99 40.14
N LEU A 136 7.82 6.70 39.19
CA LEU A 136 7.04 7.61 38.39
C LEU A 136 6.45 6.85 37.21
N THR A 137 5.13 6.72 37.18
CA THR A 137 4.49 5.82 36.22
C THR A 137 3.92 6.55 35.00
N ALA A 138 3.98 7.87 35.01
CA ALA A 138 3.45 8.66 33.90
C ALA A 138 4.09 8.21 32.58
N PRO A 139 3.28 8.07 31.53
CA PRO A 139 3.83 7.58 30.28
C PRO A 139 4.97 8.47 29.76
N LEU A 140 6.05 7.84 29.33
CA LEU A 140 7.23 8.53 28.81
C LEU A 140 7.15 8.71 27.28
N TRP A 141 7.21 9.96 26.85
CA TRP A 141 7.24 10.29 25.43
C TRP A 141 8.62 10.84 25.08
N CYS A 142 9.22 10.29 24.02
CA CYS A 142 10.53 10.76 23.58
C CYS A 142 10.37 11.54 22.28
N LEU A 143 10.81 12.80 22.30
CA LEU A 143 10.68 13.66 21.13
C LEU A 143 11.99 13.76 20.36
N THR A 144 11.86 13.79 19.04
CA THR A 144 13.01 13.93 18.18
C THR A 144 12.69 14.93 17.08
N ARG A 145 13.74 15.44 16.42
CA ARG A 145 13.59 16.36 15.29
C ARG A 145 14.42 15.85 14.11
N GLY A 146 13.76 15.29 13.10
CA GLY A 146 14.45 14.75 11.91
C GLY A 146 15.12 13.40 12.12
N GLY A 147 14.62 12.65 13.09
CA GLY A 147 15.06 11.29 13.33
C GLY A 147 14.34 10.21 12.53
N VAL A 148 13.30 10.60 11.78
CA VAL A 148 12.68 9.70 10.80
C VAL A 148 12.41 10.47 9.52
N ALA A 149 12.24 9.75 8.42
CA ALA A 149 11.78 10.33 7.15
C ALA A 149 10.31 10.01 6.95
N ALA A 150 9.44 10.94 7.30
CA ALA A 150 8.00 10.70 7.25
C ALA A 150 7.33 11.60 6.23
N GLY A 151 6.69 11.01 5.23
CA GLY A 151 6.05 11.78 4.17
C GLY A 151 6.97 11.98 2.98
N ARG A 152 6.36 12.24 1.83
CA ARG A 152 7.07 12.30 0.56
C ARG A 152 8.06 13.46 0.57
N GLY A 153 9.32 13.16 0.28
CA GLY A 153 10.37 14.16 0.25
C GLY A 153 10.85 14.63 1.62
N ASP A 154 10.43 13.96 2.68
CA ASP A 154 10.89 14.31 4.02
C ASP A 154 12.38 14.02 4.12
N VAL A 155 13.11 14.85 4.85
CA VAL A 155 14.56 14.71 4.99
C VAL A 155 14.87 14.25 6.41
N LEU A 156 15.45 13.06 6.53
CA LEU A 156 16.00 12.58 7.80
C LEU A 156 17.36 13.24 8.04
N SER A 157 17.36 14.28 8.86
CA SER A 157 18.54 15.13 9.03
C SER A 157 19.40 14.66 10.21
N SER A 158 18.82 13.88 11.12
CA SER A 158 19.58 13.42 12.28
C SER A 158 19.51 11.91 12.49
N PRO A 159 20.48 11.18 11.92
CA PRO A 159 20.44 9.74 12.12
C PRO A 159 20.80 9.33 13.55
N VAL A 160 21.50 10.18 14.28
CA VAL A 160 21.77 9.91 15.68
C VAL A 160 20.46 9.86 16.46
N GLN A 161 19.57 10.81 16.20
CA GLN A 161 18.27 10.81 16.88
C GLN A 161 17.44 9.64 16.42
N GLY A 162 17.71 9.16 15.20
CA GLY A 162 17.03 7.98 14.67
C GLY A 162 17.26 6.72 15.51
N ALA A 163 18.47 6.59 16.06
CA ALA A 163 18.79 5.47 16.95
C ALA A 163 17.85 5.41 18.15
N LEU A 164 17.46 6.57 18.63
CA LEU A 164 16.58 6.64 19.78
C LEU A 164 15.19 5.99 19.57
N TRP A 165 14.75 5.91 18.32
CA TRP A 165 13.50 5.22 18.02
C TRP A 165 13.65 3.71 18.17
N GLY A 166 14.84 3.19 17.90
CA GLY A 166 15.10 1.77 18.12
C GLY A 166 14.99 1.41 19.60
N LEU A 167 15.60 2.21 20.44
CA LEU A 167 15.53 2.03 21.89
C LEU A 167 14.10 2.21 22.36
N GLY A 168 13.46 3.27 21.90
CA GLY A 168 12.07 3.54 22.29
C GLY A 168 11.11 2.38 22.09
N ARG A 169 11.14 1.79 20.91
CA ARG A 169 10.24 0.65 20.62
C ARG A 169 10.44 -0.52 21.60
N VAL A 170 11.69 -0.75 22.03
CA VAL A 170 11.96 -1.82 22.99
C VAL A 170 11.48 -1.44 24.39
N ILE A 171 11.58 -0.15 24.74
CA ILE A 171 11.01 0.32 25.99
C ILE A 171 9.48 0.08 26.01
N GLY A 172 8.86 0.22 24.85
CA GLY A 172 7.43 -0.07 24.72
C GLY A 172 7.05 -1.54 24.88
N LEU A 173 7.95 -2.44 24.49
CA LEU A 173 7.73 -3.87 24.73
C LEU A 173 8.02 -4.31 26.16
N GLU A 174 9.02 -3.70 26.79
CA GLU A 174 9.47 -4.15 28.11
C GLU A 174 8.73 -3.42 29.24
N HIS A 175 8.33 -2.18 28.99
CA HIS A 175 7.57 -1.41 29.97
C HIS A 175 6.33 -0.78 29.34
N PRO A 176 5.47 -1.59 28.73
CA PRO A 176 4.30 -1.10 27.98
C PRO A 176 3.38 -0.18 28.78
N ASP A 177 3.33 -0.33 30.09
CA ASP A 177 2.37 0.45 30.85
C ASP A 177 2.85 1.85 31.21
N ARG A 178 4.14 2.12 31.07
CA ARG A 178 4.64 3.47 31.33
C ARG A 178 5.39 4.04 30.15
N TRP A 179 5.06 3.54 28.95
CA TRP A 179 5.62 4.06 27.73
C TRP A 179 4.54 4.82 26.98
N GLY A 180 4.85 6.04 26.59
CA GLY A 180 3.94 6.82 25.77
C GLY A 180 4.21 6.57 24.29
N GLY A 181 5.39 6.94 23.85
CA GLY A 181 5.80 6.71 22.47
C GLY A 181 6.83 7.72 22.00
N LEU A 182 6.93 7.82 20.69
CA LEU A 182 7.90 8.64 20.00
C LEU A 182 7.17 9.59 19.07
N ILE A 183 7.57 10.86 19.10
CA ILE A 183 7.03 11.86 18.17
C ILE A 183 8.18 12.65 17.58
N ASP A 184 8.26 12.66 16.25
CA ASP A 184 9.21 13.51 15.56
C ASP A 184 8.58 14.86 15.21
N LEU A 185 9.29 15.93 15.55
CA LEU A 185 8.79 17.27 15.29
C LEU A 185 9.25 17.75 13.93
N PRO A 186 8.49 18.70 13.34
CA PRO A 186 8.96 19.36 12.13
C PRO A 186 10.08 20.37 12.40
N GLU A 187 10.73 20.81 11.33
CA GLU A 187 11.80 21.81 11.39
C GLU A 187 11.31 23.09 12.08
N THR A 188 10.07 23.45 11.83
CA THR A 188 9.48 24.65 12.41
C THR A 188 8.28 24.27 13.26
N VAL A 189 8.44 24.35 14.58
CA VAL A 189 7.33 24.09 15.49
C VAL A 189 6.50 25.35 15.67
N ASP A 190 5.62 25.60 14.71
CA ASP A 190 4.65 26.69 14.80
C ASP A 190 3.42 26.28 15.60
N THR A 191 2.44 27.16 15.67
CA THR A 191 1.30 26.94 16.55
C THR A 191 0.47 25.72 16.14
N ARG A 192 0.36 25.45 14.84
CA ARG A 192 -0.30 24.22 14.38
C ARG A 192 0.41 22.98 14.89
N ALA A 193 1.74 22.96 14.74
CA ALA A 193 2.55 21.84 15.19
C ALA A 193 2.49 21.70 16.71
N ALA A 194 2.50 22.82 17.41
CA ALA A 194 2.39 22.79 18.86
C ALA A 194 1.06 22.20 19.34
N ALA A 195 -0.05 22.66 18.77
CA ALA A 195 -1.37 22.13 19.13
C ALA A 195 -1.46 20.64 18.77
N ARG A 196 -0.80 20.24 17.70
CA ARG A 196 -0.74 18.82 17.38
C ARG A 196 0.05 18.04 18.43
N LEU A 197 1.10 18.63 18.95
CA LEU A 197 1.92 17.96 19.96
C LEU A 197 1.16 17.84 21.28
N THR A 198 0.58 18.94 21.75
CA THR A 198 -0.11 18.91 23.03
C THR A 198 -1.44 18.12 22.96
N GLY A 199 -2.07 18.11 21.80
CA GLY A 199 -3.20 17.21 21.54
C GLY A 199 -2.85 15.71 21.63
N LEU A 200 -1.76 15.31 20.98
CA LEU A 200 -1.28 13.93 21.10
C LEU A 200 -0.93 13.53 22.53
N LEU A 201 -0.34 14.44 23.28
CA LEU A 201 0.02 14.16 24.67
C LEU A 201 -1.23 14.03 25.53
N ALA A 202 -2.28 14.77 25.19
CA ALA A 202 -3.60 14.57 25.80
C ALA A 202 -4.18 13.19 25.47
N ASP A 203 -4.25 12.88 24.18
CA ASP A 203 -4.72 11.56 23.76
C ASP A 203 -4.19 11.26 22.37
N ALA A 204 -3.54 10.11 22.25
CA ALA A 204 -2.83 9.78 21.03
C ALA A 204 -3.62 8.80 20.17
N GLY A 205 -4.82 8.45 20.62
CA GLY A 205 -5.68 7.50 19.91
C GLY A 205 -5.05 6.14 19.63
N GLY A 206 -4.22 5.67 20.55
CA GLY A 206 -3.58 4.36 20.39
C GLY A 206 -2.33 4.36 19.48
N GLU A 207 -1.98 5.52 18.93
CA GLU A 207 -0.75 5.65 18.15
C GLU A 207 0.44 5.88 19.09
N ASP A 208 1.62 5.36 18.74
CA ASP A 208 2.78 5.59 19.58
C ASP A 208 4.08 5.75 18.79
N GLN A 209 3.96 5.98 17.49
CA GLN A 209 5.10 6.24 16.62
C GLN A 209 4.70 7.24 15.53
N LEU A 210 4.93 8.52 15.81
CA LEU A 210 4.23 9.61 15.17
C LEU A 210 5.21 10.63 14.62
N ALA A 211 4.83 11.31 13.54
CA ALA A 211 5.61 12.41 13.02
C ALA A 211 4.68 13.58 12.78
N ILE A 212 5.02 14.72 13.36
CA ILE A 212 4.26 15.92 13.12
C ILE A 212 4.88 16.66 11.94
N ARG A 213 4.08 16.91 10.90
CA ARG A 213 4.55 17.65 9.73
C ARG A 213 3.55 18.76 9.38
N GLY A 214 3.93 19.64 8.46
CA GLY A 214 3.11 20.80 8.11
C GLY A 214 1.74 20.40 7.58
N SER A 215 1.68 19.27 6.89
CA SER A 215 0.45 18.83 6.25
C SER A 215 -0.44 18.00 7.18
N GLY A 216 0.05 17.67 8.38
CA GLY A 216 -0.70 16.84 9.31
C GLY A 216 0.15 15.91 10.16
N VAL A 217 -0.53 15.00 10.84
CA VAL A 217 0.14 14.03 11.70
C VAL A 217 0.18 12.67 11.00
N LEU A 218 1.38 12.11 10.90
CA LEU A 218 1.59 10.79 10.30
C LEU A 218 1.96 9.78 11.37
N ALA A 219 1.61 8.52 11.12
CA ALA A 219 2.04 7.41 11.98
C ALA A 219 2.71 6.29 11.20
N ARG A 220 3.53 5.55 11.92
CA ARG A 220 4.43 4.55 11.34
C ARG A 220 3.69 3.24 11.08
N ARG A 221 3.90 2.71 9.87
CA ARG A 221 3.14 1.55 9.42
C ARG A 221 4.07 0.54 8.77
N LEU A 222 3.79 -0.73 8.95
CA LEU A 222 4.48 -1.79 8.24
C LEU A 222 3.57 -2.35 7.14
N ALA A 223 4.11 -2.51 5.93
CA ALA A 223 3.37 -3.08 4.80
C ALA A 223 4.22 -4.13 4.09
N HIS A 224 3.57 -5.06 3.40
CA HIS A 224 4.28 -5.86 2.38
C HIS A 224 4.89 -4.96 1.33
N ALA A 225 6.11 -5.27 0.90
CA ALA A 225 6.76 -4.46 -0.10
C ALA A 225 6.22 -4.79 -1.50
N ALA A 226 6.48 -3.89 -2.41
CA ALA A 226 6.09 -4.04 -3.80
C ALA A 226 6.82 -5.23 -4.42
N PRO A 227 6.13 -5.97 -5.29
CA PRO A 227 6.75 -7.10 -5.98
C PRO A 227 7.95 -6.67 -6.82
N ALA A 228 8.94 -7.57 -6.89
CA ALA A 228 10.16 -7.33 -7.65
C ALA A 228 9.83 -6.91 -9.07
N VAL A 229 10.51 -5.88 -9.57
CA VAL A 229 10.55 -5.57 -11.01
C VAL A 229 11.99 -5.48 -11.54
N PRO A 230 12.40 -6.47 -12.35
CA PRO A 230 13.74 -6.53 -12.93
C PRO A 230 14.28 -5.17 -13.45
N GLY A 231 15.32 -4.66 -12.81
CA GLY A 231 16.10 -3.55 -13.36
C GLY A 231 15.50 -2.16 -13.19
N SER A 232 14.51 -2.04 -12.30
CA SER A 232 13.74 -0.80 -12.15
C SER A 232 14.54 0.30 -11.43
N GLY A 233 15.22 -0.07 -10.35
CA GLY A 233 16.15 0.84 -9.69
C GLY A 233 17.43 1.03 -10.47
N LYS A 234 17.48 0.43 -11.67
CA LYS A 234 18.74 0.20 -12.38
C LYS A 234 19.91 -0.03 -11.42
N ARG A 235 20.07 -1.26 -10.96
CA ARG A 235 21.28 -1.65 -10.27
C ARG A 235 22.41 -1.85 -11.28
N PRO A 236 23.56 -1.18 -11.06
CA PRO A 236 24.68 -1.48 -11.93
C PRO A 236 25.16 -2.93 -11.75
N PRO A 237 25.80 -3.50 -12.77
CA PRO A 237 26.51 -4.76 -12.59
C PRO A 237 27.50 -4.71 -11.44
N VAL A 238 27.59 -5.81 -10.69
CA VAL A 238 28.65 -6.00 -9.71
C VAL A 238 29.99 -6.13 -10.42
N HIS A 239 30.95 -5.33 -9.96
CA HIS A 239 32.28 -5.27 -10.58
C HIS A 239 33.27 -4.56 -9.66
N GLY A 240 34.56 -4.59 -10.05
CA GLY A 240 35.60 -3.89 -9.29
C GLY A 240 35.77 -4.44 -7.87
N SER A 241 36.13 -3.57 -6.92
CA SER A 241 36.32 -4.02 -5.53
C SER A 241 35.07 -3.79 -4.67
N VAL A 242 34.70 -4.81 -3.89
CA VAL A 242 33.55 -4.73 -2.99
C VAL A 242 33.99 -5.07 -1.57
N LEU A 243 33.74 -4.13 -0.66
CA LEU A 243 34.07 -4.29 0.74
C LEU A 243 32.89 -4.94 1.47
N VAL A 244 33.16 -6.04 2.15
CA VAL A 244 32.20 -6.65 3.03
C VAL A 244 32.78 -6.70 4.43
N THR A 245 32.35 -5.78 5.27
CA THR A 245 32.72 -5.82 6.68
C THR A 245 31.96 -6.95 7.36
N GLY A 246 32.59 -7.58 8.34
CA GLY A 246 32.09 -8.83 8.88
C GLY A 246 32.06 -9.95 7.87
N GLY A 247 32.92 -9.82 6.86
CA GLY A 247 32.86 -10.68 5.67
C GLY A 247 33.25 -12.11 5.93
N THR A 248 33.91 -12.36 7.07
CA THR A 248 34.28 -13.71 7.47
C THR A 248 33.18 -14.39 8.29
N GLY A 249 32.16 -13.64 8.66
CA GLY A 249 31.09 -14.16 9.50
C GLY A 249 30.01 -14.81 8.66
N GLY A 250 28.90 -15.16 9.28
CA GLY A 250 27.95 -16.10 8.67
C GLY A 250 27.29 -15.55 7.43
N ILE A 251 26.55 -14.46 7.60
CA ILE A 251 25.84 -13.87 6.48
C ILE A 251 26.85 -13.25 5.52
N GLY A 252 27.87 -12.61 6.08
CA GLY A 252 28.92 -11.98 5.31
C GLY A 252 29.60 -12.89 4.29
N GLY A 253 29.96 -14.08 4.72
CA GLY A 253 30.56 -15.06 3.83
C GLY A 253 29.63 -15.46 2.69
N ARG A 254 28.34 -15.55 2.99
CA ARG A 254 27.37 -15.97 1.99
C ARG A 254 27.14 -14.83 1.02
N VAL A 255 27.19 -13.61 1.52
CA VAL A 255 27.09 -12.42 0.70
C VAL A 255 28.32 -12.27 -0.21
N ALA A 256 29.48 -12.61 0.32
CA ALA A 256 30.72 -12.61 -0.46
C ALA A 256 30.64 -13.60 -1.62
N ARG A 257 30.15 -14.80 -1.34
CA ARG A 257 30.00 -15.84 -2.34
C ARG A 257 29.07 -15.39 -3.46
N ARG A 258 27.91 -14.86 -3.09
CA ARG A 258 26.97 -14.34 -4.07
C ARG A 258 27.62 -13.31 -5.00
N LEU A 259 28.34 -12.37 -4.39
CA LEU A 259 28.95 -11.28 -5.15
C LEU A 259 30.03 -11.81 -6.08
N ALA A 260 30.73 -12.86 -5.63
CA ALA A 260 31.71 -13.55 -6.46
C ALA A 260 31.06 -14.19 -7.68
N GLU A 261 29.91 -14.83 -7.47
CA GLU A 261 29.16 -15.46 -8.56
C GLU A 261 28.67 -14.41 -9.57
N GLN A 262 28.38 -13.22 -9.08
CA GLN A 262 27.79 -12.17 -9.90
C GLN A 262 28.84 -11.26 -10.54
N GLY A 263 30.13 -11.59 -10.37
CA GLY A 263 31.21 -10.98 -11.16
C GLY A 263 32.11 -9.94 -10.46
N ALA A 264 32.03 -9.82 -9.14
CA ALA A 264 32.97 -8.96 -8.43
C ALA A 264 34.39 -9.37 -8.83
N ALA A 265 35.25 -8.39 -9.06
CA ALA A 265 36.64 -8.68 -9.37
C ALA A 265 37.46 -8.98 -8.12
N HIS A 266 37.06 -8.41 -7.00
CA HIS A 266 37.95 -8.37 -5.84
C HIS A 266 37.09 -8.14 -4.60
N LEU A 267 37.12 -9.12 -3.70
CA LEU A 267 36.37 -9.04 -2.46
C LEU A 267 37.31 -8.77 -1.31
N VAL A 268 37.03 -7.67 -0.61
CA VAL A 268 37.76 -7.28 0.58
C VAL A 268 36.91 -7.62 1.79
N LEU A 269 37.30 -8.69 2.49
CA LEU A 269 36.57 -9.12 3.66
C LEU A 269 37.31 -8.67 4.92
N THR A 270 36.58 -8.05 5.84
CA THR A 270 37.14 -7.60 7.10
C THR A 270 36.42 -8.14 8.32
N SER A 271 37.15 -8.19 9.42
CA SER A 271 36.60 -8.55 10.71
C SER A 271 37.74 -8.32 11.70
N ARG A 272 37.44 -8.33 12.99
CA ARG A 272 38.49 -8.12 13.99
C ARG A 272 39.55 -9.24 13.95
N ARG A 273 39.13 -10.46 13.66
CA ARG A 273 40.04 -11.60 13.62
C ARG A 273 40.67 -11.82 12.24
N GLY A 274 40.02 -11.30 11.20
CA GLY A 274 40.53 -11.43 9.83
C GLY A 274 40.80 -12.86 9.40
N ALA A 275 42.02 -13.10 8.94
CA ALA A 275 42.36 -14.42 8.42
C ALA A 275 42.49 -15.46 9.53
N ASP A 276 42.44 -15.02 10.78
CA ASP A 276 42.34 -15.96 11.89
C ASP A 276 40.91 -16.37 12.24
N ALA A 277 39.92 -15.78 11.57
CA ALA A 277 38.54 -16.06 11.89
C ALA A 277 38.24 -17.49 11.53
N PRO A 278 37.40 -18.15 12.34
CA PRO A 278 37.02 -19.51 12.02
C PRO A 278 36.45 -19.62 10.61
N GLY A 279 36.99 -20.55 9.82
CA GLY A 279 36.46 -20.86 8.51
C GLY A 279 37.04 -19.99 7.40
N ALA A 280 38.00 -19.13 7.72
CA ALA A 280 38.43 -18.10 6.79
C ALA A 280 39.21 -18.71 5.61
N ALA A 281 40.01 -19.73 5.89
CA ALA A 281 40.82 -20.37 4.86
C ALA A 281 39.93 -21.10 3.85
N GLU A 282 38.85 -21.71 4.34
CA GLU A 282 37.87 -22.38 3.48
C GLU A 282 37.05 -21.38 2.64
N LEU A 283 36.74 -20.23 3.23
CA LEU A 283 35.97 -19.21 2.53
C LEU A 283 36.81 -18.55 1.43
N ARG A 284 38.10 -18.34 1.71
CA ARG A 284 39.00 -17.81 0.71
C ARG A 284 39.12 -18.77 -0.50
N ALA A 285 39.31 -20.06 -0.23
CA ALA A 285 39.43 -21.04 -1.31
C ALA A 285 38.13 -21.14 -2.13
N GLU A 286 37.00 -21.15 -1.45
CA GLU A 286 35.69 -21.09 -2.11
C GLU A 286 35.61 -19.93 -3.11
N LEU A 287 35.93 -18.73 -2.64
CA LEU A 287 35.79 -17.53 -3.45
C LEU A 287 36.79 -17.52 -4.58
N GLU A 288 37.99 -18.03 -4.31
CA GLU A 288 39.04 -18.06 -5.32
C GLU A 288 38.75 -19.09 -6.40
N GLN A 289 38.04 -20.16 -6.07
CA GLN A 289 37.62 -21.14 -7.10
C GLN A 289 36.69 -20.48 -8.12
N LEU A 290 36.00 -19.44 -7.70
CA LEU A 290 35.09 -18.70 -8.55
C LEU A 290 35.78 -17.62 -9.36
N GLY A 291 37.09 -17.53 -9.22
CA GLY A 291 37.93 -16.63 -10.04
C GLY A 291 38.14 -15.25 -9.45
N VAL A 292 37.67 -15.04 -8.22
CA VAL A 292 37.71 -13.72 -7.59
C VAL A 292 39.00 -13.57 -6.79
N ARG A 293 39.62 -12.41 -6.90
CA ARG A 293 40.67 -12.02 -5.96
C ARG A 293 40.08 -11.79 -4.58
N VAL A 294 40.80 -12.24 -3.55
CA VAL A 294 40.32 -12.12 -2.19
C VAL A 294 41.36 -11.45 -1.30
N THR A 295 40.91 -10.44 -0.58
CA THR A 295 41.71 -9.84 0.48
C THR A 295 40.95 -10.01 1.78
N ILE A 296 41.61 -10.56 2.79
CA ILE A 296 41.04 -10.67 4.11
C ILE A 296 41.87 -9.88 5.10
N ALA A 297 41.26 -8.87 5.72
CA ALA A 297 42.00 -8.00 6.62
C ALA A 297 41.43 -8.07 8.02
N ALA A 298 42.32 -8.05 9.00
CA ALA A 298 41.94 -7.96 10.38
C ALA A 298 41.89 -6.49 10.76
N CYS A 299 40.73 -6.01 11.15
CA CYS A 299 40.46 -4.59 11.09
C CYS A 299 39.15 -4.28 11.85
N ASP A 300 39.24 -3.60 12.98
CA ASP A 300 38.04 -3.14 13.68
C ASP A 300 37.34 -2.09 12.83
N ALA A 301 36.06 -2.30 12.51
CA ALA A 301 35.38 -1.42 11.57
C ALA A 301 35.13 -0.04 12.20
N ALA A 302 35.21 0.04 13.53
CA ALA A 302 35.18 1.33 14.21
C ALA A 302 36.51 2.11 14.18
N ASP A 303 37.57 1.47 13.68
CA ASP A 303 38.89 2.11 13.51
C ASP A 303 38.99 2.88 12.16
N ARG A 304 38.82 4.18 12.21
CA ARG A 304 38.77 5.02 11.01
C ARG A 304 40.07 4.96 10.20
N GLU A 305 41.20 5.04 10.91
CA GLU A 305 42.51 5.04 10.27
C GLU A 305 42.78 3.73 9.52
N ALA A 306 42.41 2.60 10.10
CA ALA A 306 42.58 1.30 9.45
C ALA A 306 41.70 1.20 8.22
N LEU A 307 40.47 1.70 8.32
CA LEU A 307 39.61 1.71 7.14
C LEU A 307 40.18 2.60 6.03
N ALA A 308 40.64 3.80 6.39
CA ALA A 308 41.28 4.67 5.41
C ALA A 308 42.46 3.97 4.71
N ALA A 309 43.25 3.20 5.47
CA ALA A 309 44.44 2.53 4.90
C ALA A 309 44.02 1.40 3.95
N LEU A 310 42.93 0.75 4.29
CA LEU A 310 42.37 -0.29 3.42
C LEU A 310 41.93 0.32 2.09
N LEU A 311 41.19 1.43 2.15
CA LEU A 311 40.71 2.08 0.93
C LEU A 311 41.87 2.63 0.08
N ALA A 312 42.92 3.11 0.74
CA ALA A 312 44.04 3.74 0.06
C ALA A 312 44.87 2.72 -0.76
N GLU A 313 44.71 1.43 -0.48
CA GLU A 313 45.58 0.42 -1.10
C GLU A 313 44.82 -0.39 -2.15
N LEU A 314 43.59 0.01 -2.45
CA LEU A 314 42.85 -0.63 -3.51
C LEU A 314 43.50 -0.34 -4.86
N PRO A 315 43.60 -1.35 -5.73
CA PRO A 315 44.20 -1.12 -7.02
C PRO A 315 43.39 -0.14 -7.87
N GLU A 316 44.07 0.69 -8.64
CA GLU A 316 43.41 1.58 -9.59
C GLU A 316 42.58 0.83 -10.64
N ASP A 317 42.97 -0.41 -10.94
CA ASP A 317 42.20 -1.26 -11.86
C ASP A 317 40.92 -1.87 -11.23
N ALA A 318 40.86 -1.90 -9.91
CA ALA A 318 39.64 -2.35 -9.21
C ALA A 318 39.28 -1.38 -8.09
N PRO A 319 38.75 -0.20 -8.46
CA PRO A 319 38.27 0.75 -7.47
C PRO A 319 37.07 0.22 -6.68
N LEU A 320 36.87 0.74 -5.48
CA LEU A 320 35.70 0.42 -4.66
C LEU A 320 34.42 0.76 -5.42
N THR A 321 33.52 -0.20 -5.52
CA THR A 321 32.23 0.07 -6.14
C THR A 321 31.05 -0.14 -5.18
N ALA A 322 31.22 -0.98 -4.16
CA ALA A 322 30.16 -1.24 -3.20
C ALA A 322 30.68 -1.56 -1.80
N VAL A 323 29.90 -1.16 -0.81
CA VAL A 323 30.11 -1.58 0.57
C VAL A 323 28.91 -2.36 1.07
N PHE A 324 29.18 -3.52 1.68
CA PHE A 324 28.18 -4.28 2.39
C PHE A 324 28.59 -4.39 3.84
N HIS A 325 27.86 -3.71 4.70
CA HIS A 325 28.24 -3.62 6.10
C HIS A 325 27.58 -4.71 6.95
N SER A 326 28.31 -5.80 7.18
CA SER A 326 27.78 -6.94 7.90
C SER A 326 28.40 -7.13 9.30
N ALA A 327 29.36 -6.28 9.65
CA ALA A 327 29.94 -6.31 10.98
C ALA A 327 28.87 -6.06 12.02
N GLY A 328 28.90 -6.81 13.12
CA GLY A 328 27.91 -6.63 14.18
C GLY A 328 28.01 -7.68 15.27
N VAL A 329 27.65 -7.30 16.50
CA VAL A 329 27.44 -8.27 17.57
C VAL A 329 26.08 -8.05 18.21
N ALA A 330 25.46 -9.13 18.70
CA ALA A 330 24.19 -9.05 19.41
C ALA A 330 24.29 -9.51 20.85
N HIS A 331 25.43 -10.06 21.25
CA HIS A 331 25.53 -10.67 22.58
C HIS A 331 25.85 -9.61 23.64
N ASP A 332 25.54 -9.95 24.89
CA ASP A 332 25.78 -9.09 26.03
C ASP A 332 24.93 -7.82 25.97
N ASP A 333 23.71 -7.97 25.47
CA ASP A 333 22.67 -6.99 25.61
C ASP A 333 21.98 -7.29 26.92
N ALA A 334 20.93 -6.53 27.25
CA ALA A 334 20.25 -6.73 28.52
C ALA A 334 18.93 -5.96 28.50
N PRO A 335 17.99 -6.33 29.37
CA PRO A 335 16.75 -5.57 29.45
C PRO A 335 17.04 -4.10 29.73
N VAL A 336 16.15 -3.25 29.26
CA VAL A 336 16.21 -1.82 29.52
C VAL A 336 16.52 -1.49 30.98
N ALA A 337 15.89 -2.21 31.90
CA ALA A 337 16.05 -1.93 33.33
C ALA A 337 17.49 -2.18 33.81
N ASP A 338 18.26 -2.93 33.04
CA ASP A 338 19.55 -3.45 33.49
C ASP A 338 20.73 -2.93 32.67
N LEU A 339 20.49 -2.63 31.39
CA LEU A 339 21.56 -2.30 30.45
C LEU A 339 22.50 -1.20 30.98
N THR A 340 23.80 -1.42 30.89
CA THR A 340 24.77 -0.39 31.32
C THR A 340 25.23 0.37 30.10
N LEU A 341 25.90 1.50 30.32
CA LEU A 341 26.41 2.28 29.21
C LEU A 341 27.58 1.57 28.51
N GLY A 342 28.40 0.85 29.30
CA GLY A 342 29.42 -0.01 28.73
C GLY A 342 28.91 -1.06 27.75
N GLN A 343 27.85 -1.76 28.13
CA GLN A 343 27.27 -2.75 27.24
C GLN A 343 26.72 -2.08 25.98
N LEU A 344 26.06 -0.94 26.19
CA LEU A 344 25.50 -0.17 25.08
C LEU A 344 26.60 0.24 24.09
N ASP A 345 27.74 0.68 24.63
CA ASP A 345 28.85 1.11 23.79
C ASP A 345 29.32 -0.03 22.90
N ALA A 346 29.47 -1.22 23.50
CA ALA A 346 30.01 -2.35 22.76
C ALA A 346 29.04 -2.79 21.66
N LEU A 347 27.74 -2.57 21.86
CA LEU A 347 26.74 -2.89 20.82
C LEU A 347 26.67 -1.82 19.71
N MET A 348 26.92 -0.57 20.07
CA MET A 348 26.85 0.54 19.09
C MET A 348 28.09 0.60 18.21
N ARG A 349 29.23 0.13 18.74
CA ARG A 349 30.51 0.28 18.08
C ARG A 349 30.53 -0.10 16.61
N ALA A 350 30.22 -1.36 16.31
CA ALA A 350 30.33 -1.85 14.94
C ALA A 350 29.22 -1.31 14.05
N LYS A 351 28.29 -0.55 14.64
CA LYS A 351 27.10 -0.13 13.91
C LYS A 351 27.12 1.35 13.63
N LEU A 352 26.96 2.14 14.69
CA LEU A 352 26.99 3.58 14.58
C LEU A 352 28.38 4.09 14.17
N THR A 353 29.41 3.70 14.92
CA THR A 353 30.72 4.28 14.71
C THR A 353 31.30 3.84 13.38
N ALA A 354 31.17 2.54 13.09
CA ALA A 354 31.69 1.98 11.85
C ALA A 354 30.94 2.51 10.63
N ALA A 355 29.61 2.55 10.71
CA ALA A 355 28.83 3.05 9.56
C ALA A 355 29.13 4.49 9.26
N ARG A 356 29.25 5.30 10.30
CA ARG A 356 29.61 6.71 10.14
C ARG A 356 30.97 6.89 9.45
N HIS A 357 31.99 6.15 9.88
CA HIS A 357 33.25 6.13 9.15
C HIS A 357 33.09 5.73 7.70
N LEU A 358 32.32 4.65 7.45
CA LEU A 358 32.15 4.16 6.10
C LEU A 358 31.47 5.20 5.24
N HIS A 359 30.50 5.89 5.83
CA HIS A 359 29.77 6.91 5.10
C HIS A 359 30.72 8.05 4.74
N GLU A 360 31.48 8.52 5.73
CA GLU A 360 32.34 9.68 5.52
C GLU A 360 33.51 9.39 4.59
N LEU A 361 34.08 8.20 4.68
CA LEU A 361 35.25 7.89 3.87
C LEU A 361 34.89 7.56 2.42
N THR A 362 33.64 7.19 2.15
CA THR A 362 33.27 6.81 0.79
C THR A 362 32.31 7.80 0.14
N ALA A 363 31.98 8.89 0.84
CA ALA A 363 30.95 9.80 0.37
C ALA A 363 31.25 10.33 -1.03
N ASP A 364 32.54 10.48 -1.33
CA ASP A 364 32.98 11.11 -2.57
C ASP A 364 33.37 10.10 -3.66
N LEU A 365 33.13 8.82 -3.42
CA LEU A 365 33.59 7.79 -4.31
C LEU A 365 32.56 7.39 -5.35
N ASP A 366 31.33 7.90 -5.23
CA ASP A 366 30.27 7.54 -6.17
C ASP A 366 30.04 6.02 -6.24
N LEU A 367 29.81 5.41 -5.08
CA LEU A 367 29.53 4.00 -4.99
C LEU A 367 28.28 3.61 -5.77
N ASP A 368 28.26 2.37 -6.26
CA ASP A 368 27.06 1.74 -6.79
C ASP A 368 26.11 1.25 -5.71
N ALA A 369 26.67 0.78 -4.59
CA ALA A 369 25.83 0.27 -3.51
C ALA A 369 26.49 0.50 -2.16
N PHE A 370 25.69 0.92 -1.19
CA PHE A 370 26.12 1.14 0.18
C PHE A 370 25.10 0.49 1.11
N VAL A 371 25.33 -0.77 1.43
CA VAL A 371 24.28 -1.64 1.97
C VAL A 371 24.58 -1.96 3.42
N LEU A 372 23.64 -1.59 4.29
CA LEU A 372 23.82 -1.74 5.74
C LEU A 372 22.93 -2.87 6.25
N PHE A 373 23.53 -3.79 6.99
CA PHE A 373 22.76 -4.90 7.53
C PHE A 373 22.21 -4.56 8.90
N SER A 374 20.90 -4.42 8.94
CA SER A 374 20.15 -4.08 10.14
C SER A 374 19.41 -5.34 10.61
N SER A 375 18.35 -5.14 11.40
CA SER A 375 17.65 -6.24 12.04
C SER A 375 16.18 -5.86 12.24
N THR A 376 15.31 -6.86 12.32
CA THR A 376 13.93 -6.61 12.67
C THR A 376 13.81 -6.10 14.10
N ALA A 377 14.86 -6.26 14.90
CA ALA A 377 14.87 -5.64 16.23
C ALA A 377 14.75 -4.11 16.15
N ALA A 378 15.20 -3.54 15.04
CA ALA A 378 15.04 -2.11 14.78
C ALA A 378 13.73 -1.75 14.06
N VAL A 379 13.07 -2.74 13.48
CA VAL A 379 11.84 -2.48 12.74
C VAL A 379 10.67 -2.37 13.71
N TRP A 380 10.53 -3.38 14.57
CA TRP A 380 9.40 -3.42 15.49
C TRP A 380 9.80 -3.56 16.96
N GLY A 381 11.04 -3.93 17.20
CA GLY A 381 11.56 -3.99 18.57
C GLY A 381 11.62 -5.42 19.04
N SER A 382 12.57 -5.70 19.92
CA SER A 382 12.63 -6.98 20.60
C SER A 382 13.03 -6.82 22.06
N GLY A 383 12.17 -7.32 22.93
CA GLY A 383 12.42 -7.30 24.37
C GLY A 383 13.69 -8.03 24.74
N GLY A 384 14.48 -7.40 25.60
CA GLY A 384 15.81 -7.89 25.94
C GLY A 384 16.92 -7.40 25.03
N HIS A 385 16.59 -6.62 24.00
CA HIS A 385 17.57 -6.23 23.00
C HIS A 385 17.56 -4.73 22.71
N PRO A 386 17.52 -3.91 23.76
CA PRO A 386 17.48 -2.47 23.54
C PRO A 386 18.73 -1.94 22.82
N GLY A 387 19.91 -2.40 23.21
CA GLY A 387 21.17 -1.87 22.65
C GLY A 387 21.33 -2.22 21.18
N TYR A 388 20.97 -3.46 20.86
CA TYR A 388 21.01 -3.96 19.50
C TYR A 388 19.97 -3.19 18.66
N ALA A 389 18.80 -2.96 19.22
CA ALA A 389 17.75 -2.26 18.47
C ALA A 389 18.17 -0.82 18.15
N ALA A 390 18.74 -0.14 19.14
CA ALA A 390 19.24 1.21 18.92
C ALA A 390 20.30 1.26 17.81
N ALA A 391 21.29 0.39 17.92
CA ALA A 391 22.40 0.37 16.99
C ALA A 391 21.92 0.12 15.56
N ASN A 392 20.96 -0.78 15.40
CA ASN A 392 20.46 -1.09 14.07
C ASN A 392 19.53 -0.03 13.54
N ALA A 393 18.86 0.69 14.43
CA ALA A 393 17.97 1.77 14.00
C ALA A 393 18.80 2.94 13.49
N TYR A 394 20.00 3.09 14.00
CA TYR A 394 20.95 4.05 13.43
C TYR A 394 21.19 3.76 11.94
N LEU A 395 21.42 2.49 11.61
CA LEU A 395 21.73 2.14 10.22
C LEU A 395 20.55 2.48 9.29
N ASP A 396 19.33 2.15 9.69
CA ASP A 396 18.14 2.48 8.90
C ASP A 396 18.11 4.00 8.65
N ALA A 397 18.34 4.77 9.70
CA ALA A 397 18.23 6.21 9.61
C ALA A 397 19.36 6.80 8.76
N LEU A 398 20.56 6.24 8.87
CA LEU A 398 21.68 6.71 8.08
C LEU A 398 21.44 6.49 6.59
N ALA A 399 20.75 5.41 6.23
CA ALA A 399 20.46 5.17 4.81
C ALA A 399 19.52 6.23 4.23
N GLU A 400 18.47 6.56 4.98
CA GLU A 400 17.56 7.64 4.60
C GLU A 400 18.26 8.97 4.51
N HIS A 401 19.12 9.24 5.50
CA HIS A 401 19.92 10.45 5.49
C HIS A 401 20.80 10.54 4.23
N ARG A 402 21.47 9.46 3.86
CA ARG A 402 22.33 9.46 2.68
C ARG A 402 21.56 9.73 1.39
N ARG A 403 20.36 9.19 1.28
CA ARG A 403 19.51 9.44 0.12
C ARG A 403 19.16 10.92 -0.03
N SER A 404 18.92 11.60 1.10
CA SER A 404 18.65 13.03 1.08
C SER A 404 19.85 13.84 0.58
N LEU A 405 21.05 13.28 0.71
CA LEU A 405 22.29 13.92 0.21
C LEU A 405 22.59 13.55 -1.23
N GLY A 406 21.77 12.73 -1.84
CA GLY A 406 22.00 12.28 -3.21
C GLY A 406 22.94 11.08 -3.30
N LEU A 407 23.20 10.44 -2.17
CA LEU A 407 24.06 9.25 -2.14
C LEU A 407 23.22 7.97 -2.18
N THR A 408 23.78 6.90 -2.74
CA THR A 408 23.11 5.61 -2.65
C THR A 408 23.23 5.02 -1.24
N ALA A 409 22.20 4.30 -0.84
CA ALA A 409 22.19 3.57 0.42
C ALA A 409 20.99 2.66 0.47
N SER A 410 21.16 1.53 1.16
CA SER A 410 20.09 0.62 1.46
C SER A 410 20.34 0.06 2.84
N SER A 411 19.29 -0.03 3.63
CA SER A 411 19.33 -0.73 4.89
C SER A 411 18.43 -1.94 4.79
N VAL A 412 19.01 -3.11 5.08
CA VAL A 412 18.30 -4.38 5.06
C VAL A 412 18.11 -4.90 6.47
N ALA A 413 16.88 -4.91 6.96
CA ALA A 413 16.62 -5.39 8.31
C ALA A 413 16.22 -6.86 8.22
N TRP A 414 17.18 -7.73 8.51
CA TRP A 414 16.97 -9.17 8.39
C TRP A 414 16.14 -9.64 9.57
N GLY A 415 15.28 -10.62 9.30
CA GLY A 415 14.73 -11.47 10.34
C GLY A 415 15.77 -12.46 10.86
N THR A 416 15.47 -13.73 10.74
CA THR A 416 16.36 -14.77 11.22
C THR A 416 16.84 -15.58 10.04
N TRP A 417 18.17 -15.69 9.91
CA TRP A 417 18.76 -16.65 8.98
C TRP A 417 18.86 -18.05 9.58
N GLY A 418 18.66 -19.05 8.71
CA GLY A 418 19.06 -20.43 9.04
C GLY A 418 20.45 -20.71 8.48
N GLU A 419 21.08 -21.76 9.01
CA GLU A 419 22.26 -22.41 8.39
C GLU A 419 23.57 -21.72 8.79
N VAL A 420 23.61 -20.39 8.67
CA VAL A 420 24.80 -19.64 9.04
C VAL A 420 24.41 -18.46 9.91
N GLY A 421 25.36 -18.03 10.73
CA GLY A 421 25.27 -16.75 11.42
C GLY A 421 24.79 -16.87 12.85
N MET A 422 24.34 -15.73 13.38
CA MET A 422 24.13 -15.55 14.81
C MET A 422 23.08 -16.48 15.38
N ALA A 423 22.07 -16.79 14.56
CA ALA A 423 20.78 -17.24 15.10
C ALA A 423 20.63 -18.75 15.04
N THR A 424 21.74 -19.46 14.88
CA THR A 424 21.69 -20.89 14.60
C THR A 424 21.72 -21.76 15.87
N ASP A 425 21.92 -21.15 17.03
CA ASP A 425 21.77 -21.85 18.31
C ASP A 425 20.33 -22.32 18.51
N PRO A 426 20.13 -23.60 18.86
CA PRO A 426 18.79 -24.17 18.89
C PRO A 426 17.83 -23.50 19.88
N GLU A 427 18.34 -23.08 21.04
CA GLU A 427 17.48 -22.50 22.06
C GLU A 427 17.06 -21.07 21.67
N VAL A 428 17.94 -20.37 20.96
CA VAL A 428 17.62 -19.08 20.36
C VAL A 428 16.61 -19.28 19.22
N HIS A 429 16.96 -20.20 18.32
CA HIS A 429 16.07 -20.62 17.25
C HIS A 429 14.67 -20.96 17.78
N ASP A 430 14.59 -21.75 18.84
CA ASP A 430 13.30 -22.17 19.39
C ASP A 430 12.50 -20.98 19.89
N ARG A 431 13.17 -20.06 20.58
CA ARG A 431 12.50 -18.89 21.12
C ARG A 431 11.91 -18.08 19.97
N LEU A 432 12.67 -17.94 18.88
CA LEU A 432 12.22 -17.15 17.73
C LEU A 432 11.03 -17.79 17.02
N VAL A 433 11.15 -19.09 16.72
CA VAL A 433 10.07 -19.84 16.09
C VAL A 433 8.77 -19.72 16.89
N ARG A 434 8.90 -19.75 18.21
CA ARG A 434 7.75 -19.60 19.11
C ARG A 434 7.12 -18.19 19.07
N GLN A 435 7.89 -17.17 18.73
CA GLN A 435 7.34 -15.83 18.47
C GLN A 435 6.88 -15.66 17.00
N GLY A 436 7.18 -16.64 16.16
CA GLY A 436 6.73 -16.63 14.76
C GLY A 436 7.70 -15.95 13.80
N VAL A 437 8.93 -15.72 14.25
CA VAL A 437 9.98 -15.26 13.36
C VAL A 437 10.81 -16.47 12.92
N LEU A 438 10.60 -16.91 11.70
CA LEU A 438 11.11 -18.21 11.26
C LEU A 438 12.44 -18.03 10.54
N ALA A 439 13.23 -19.10 10.50
CA ALA A 439 14.56 -19.06 9.92
C ALA A 439 14.49 -19.14 8.39
N MET A 440 15.10 -18.17 7.71
CA MET A 440 15.17 -18.18 6.24
C MET A 440 16.27 -19.10 5.73
N GLU A 441 15.99 -19.77 4.60
CA GLU A 441 17.07 -20.37 3.80
C GLU A 441 17.95 -19.30 3.15
N PRO A 442 19.29 -19.43 3.25
CA PRO A 442 20.15 -18.39 2.72
C PRO A 442 19.88 -18.00 1.27
N GLU A 443 19.58 -18.96 0.40
CA GLU A 443 19.34 -18.63 -1.00
C GLU A 443 18.11 -17.72 -1.15
N HIS A 444 17.11 -17.93 -0.32
CA HIS A 444 15.89 -17.15 -0.40
C HIS A 444 16.15 -15.75 0.17
N ALA A 445 16.87 -15.68 1.29
CA ALA A 445 17.22 -14.39 1.88
C ALA A 445 18.05 -13.55 0.91
N LEU A 446 19.05 -14.18 0.27
CA LEU A 446 19.89 -13.46 -0.69
C LEU A 446 19.13 -13.08 -1.96
N GLY A 447 18.19 -13.93 -2.35
CA GLY A 447 17.35 -13.64 -3.51
C GLY A 447 16.49 -12.45 -3.25
N ALA A 448 15.94 -12.36 -2.03
CA ALA A 448 15.15 -11.19 -1.66
C ALA A 448 16.01 -9.93 -1.60
N LEU A 449 17.24 -10.07 -1.11
CA LEU A 449 18.14 -8.92 -1.10
C LEU A 449 18.39 -8.37 -2.51
N ASP A 450 18.61 -9.27 -3.46
CA ASP A 450 18.85 -8.84 -4.82
C ASP A 450 17.62 -8.14 -5.39
N GLN A 451 16.43 -8.60 -5.04
CA GLN A 451 15.20 -7.92 -5.46
C GLN A 451 15.20 -6.48 -4.94
N MET A 452 15.53 -6.34 -3.66
CA MET A 452 15.59 -5.04 -3.04
C MET A 452 16.61 -4.13 -3.73
N LEU A 453 17.77 -4.67 -4.05
CA LEU A 453 18.82 -3.88 -4.70
C LEU A 453 18.47 -3.57 -6.15
N GLU A 454 17.77 -4.49 -6.82
CA GLU A 454 17.29 -4.25 -8.19
C GLU A 454 16.27 -3.12 -8.23
N ASN A 455 15.36 -3.08 -7.25
CA ASN A 455 14.43 -1.96 -7.13
C ASN A 455 15.07 -0.67 -6.64
N ASP A 456 16.27 -0.80 -6.06
CA ASP A 456 16.94 0.32 -5.41
C ASP A 456 16.13 0.91 -4.26
N ASP A 457 15.57 0.03 -3.42
CA ASP A 457 14.79 0.48 -2.26
C ASP A 457 15.74 0.98 -1.20
N THR A 458 15.32 1.99 -0.44
CA THR A 458 16.17 2.60 0.58
C THR A 458 16.22 1.73 1.85
N ALA A 459 15.06 1.20 2.24
CA ALA A 459 14.96 0.42 3.47
C ALA A 459 13.92 -0.67 3.32
N ALA A 460 14.28 -1.89 3.70
CA ALA A 460 13.32 -2.96 3.73
C ALA A 460 13.64 -3.94 4.85
N ALA A 461 12.61 -4.61 5.33
CA ALA A 461 12.80 -5.77 6.18
C ALA A 461 12.68 -7.03 5.34
N ILE A 462 13.60 -7.96 5.56
CA ILE A 462 13.53 -9.25 4.88
C ILE A 462 13.47 -10.36 5.90
N THR A 463 12.31 -10.99 6.00
CA THR A 463 12.02 -11.85 7.12
C THR A 463 10.90 -12.81 6.75
N LEU A 464 11.03 -14.05 7.19
CA LEU A 464 9.95 -15.05 7.08
C LEU A 464 9.14 -15.11 8.37
N MET A 465 7.85 -14.81 8.27
CA MET A 465 6.99 -14.61 9.44
C MET A 465 5.90 -15.66 9.46
N ASP A 466 5.52 -16.10 10.66
CA ASP A 466 4.21 -16.70 10.89
C ASP A 466 3.35 -15.72 11.66
N TRP A 467 2.56 -14.93 10.94
CA TRP A 467 1.79 -13.86 11.52
C TRP A 467 0.75 -14.34 12.56
N GLU A 468 0.28 -15.57 12.42
CA GLU A 468 -0.69 -16.11 13.35
C GLU A 468 -0.04 -16.34 14.71
N MET A 469 1.27 -16.59 14.73
CA MET A 469 2.01 -16.68 15.98
C MET A 469 2.44 -15.29 16.41
N PHE A 470 3.01 -14.53 15.48
CA PHE A 470 3.69 -13.28 15.83
C PHE A 470 2.74 -12.20 16.31
N ALA A 471 1.64 -11.96 15.60
CA ALA A 471 0.77 -10.85 15.96
C ALA A 471 0.23 -10.92 17.41
N PRO A 472 -0.24 -12.10 17.85
CA PRO A 472 -0.74 -12.22 19.22
C PRO A 472 0.35 -12.09 20.28
N ALA A 473 1.52 -12.63 20.00
CA ALA A 473 2.65 -12.47 20.91
C ALA A 473 3.08 -10.99 20.97
N PHE A 474 3.11 -10.32 19.82
CA PHE A 474 3.64 -8.95 19.77
C PHE A 474 2.69 -7.99 20.48
N THR A 475 1.39 -8.22 20.38
CA THR A 475 0.39 -7.29 20.88
C THR A 475 -0.23 -7.74 22.22
N ALA A 476 0.40 -8.68 22.91
CA ALA A 476 -0.20 -9.30 24.09
C ALA A 476 -0.52 -8.27 25.17
N ASN A 477 0.34 -7.26 25.31
CA ASN A 477 0.30 -6.35 26.45
C ASN A 477 -0.12 -4.95 26.04
N ARG A 478 -0.23 -4.74 24.74
CA ARG A 478 -0.29 -3.41 24.17
C ARG A 478 -0.57 -3.48 22.67
N PRO A 479 -1.60 -2.78 22.20
CA PRO A 479 -1.86 -2.80 20.77
C PRO A 479 -0.71 -2.21 19.97
N SER A 480 -0.62 -2.60 18.69
CA SER A 480 0.39 -2.04 17.80
C SER A 480 -0.29 -1.54 16.51
N ALA A 481 -0.40 -0.22 16.39
CA ALA A 481 -0.84 0.41 15.16
C ALA A 481 0.08 0.07 13.98
N LEU A 482 1.36 -0.16 14.27
CA LEU A 482 2.34 -0.53 13.28
C LEU A 482 1.83 -1.64 12.36
N LEU A 483 1.14 -2.61 12.93
CA LEU A 483 0.82 -3.87 12.25
C LEU A 483 -0.57 -3.85 11.60
N SER A 484 -1.28 -2.75 11.78
CA SER A 484 -2.66 -2.65 11.29
C SER A 484 -2.71 -2.71 9.76
N THR A 485 -1.58 -2.50 9.11
CA THR A 485 -1.51 -2.45 7.64
C THR A 485 -0.97 -3.75 7.05
N VAL A 486 -0.77 -4.76 7.89
CA VAL A 486 -0.44 -6.11 7.45
C VAL A 486 -1.68 -6.99 7.60
N PRO A 487 -2.30 -7.38 6.48
CA PRO A 487 -3.63 -8.00 6.60
C PRO A 487 -3.60 -9.32 7.40
N GLU A 488 -2.50 -10.06 7.28
CA GLU A 488 -2.31 -11.28 8.05
C GLU A 488 -2.27 -11.03 9.55
N ALA A 489 -1.74 -9.88 9.97
CA ALA A 489 -1.76 -9.50 11.38
C ALA A 489 -3.17 -9.17 11.83
N VAL A 490 -3.84 -8.34 11.03
CA VAL A 490 -5.23 -8.00 11.30
C VAL A 490 -6.06 -9.29 11.44
N SER A 491 -5.92 -10.20 10.48
CA SER A 491 -6.67 -11.46 10.52
C SER A 491 -6.33 -12.34 11.74
N ALA A 492 -5.06 -12.42 12.10
CA ALA A 492 -4.65 -13.17 13.31
C ALA A 492 -5.34 -12.66 14.57
N LEU A 493 -5.60 -11.35 14.62
CA LEU A 493 -6.07 -10.73 15.86
C LEU A 493 -7.60 -10.65 15.95
N SER A 494 -8.29 -10.86 14.83
CA SER A 494 -9.72 -10.56 14.77
C SER A 494 -10.53 -11.59 15.55
N GLY B 18 -16.49 -1.84 14.53
CA GLY B 18 -15.36 -1.10 13.88
C GLY B 18 -14.55 -2.00 12.97
N SER B 19 -13.99 -3.06 13.52
CA SER B 19 -13.13 -3.94 12.74
C SER B 19 -13.98 -4.90 11.91
N HIS B 20 -15.24 -5.08 12.30
CA HIS B 20 -16.21 -5.80 11.47
C HIS B 20 -16.44 -5.07 10.14
N MET B 21 -16.66 -3.76 10.23
CA MET B 21 -16.79 -2.93 9.04
C MET B 21 -15.48 -2.79 8.24
N ASP B 22 -14.35 -2.66 8.93
CA ASP B 22 -13.04 -2.63 8.26
C ASP B 22 -12.86 -3.88 7.38
N ALA B 23 -13.19 -5.05 7.93
CA ALA B 23 -12.99 -6.33 7.24
C ALA B 23 -13.78 -6.46 5.93
N LEU B 24 -14.78 -5.60 5.74
CA LEU B 24 -15.59 -5.59 4.53
C LEU B 24 -14.97 -4.82 3.38
N ARG B 25 -14.00 -3.95 3.67
CA ARG B 25 -13.56 -2.97 2.69
C ARG B 25 -12.28 -3.39 1.96
N TYR B 26 -12.33 -3.32 0.63
CA TYR B 26 -11.21 -3.67 -0.22
C TYR B 26 -11.02 -2.56 -1.25
N HIS B 27 -9.89 -2.60 -1.93
CA HIS B 27 -9.47 -1.54 -2.80
C HIS B 27 -8.77 -2.12 -4.01
N ILE B 28 -9.07 -1.61 -5.20
CA ILE B 28 -8.28 -1.89 -6.39
C ILE B 28 -7.01 -1.04 -6.43
N GLU B 29 -5.87 -1.71 -6.58
CA GLU B 29 -4.60 -1.01 -6.74
C GLU B 29 -3.81 -1.60 -7.92
N TRP B 30 -2.73 -0.92 -8.31
CA TRP B 30 -1.98 -1.26 -9.49
C TRP B 30 -0.50 -1.39 -9.08
N ASN B 31 0.08 -2.57 -9.31
CA ASN B 31 1.47 -2.81 -8.98
C ASN B 31 2.29 -2.90 -10.25
N ARG B 32 3.54 -2.43 -10.21
CA ARG B 32 4.43 -2.62 -11.34
C ARG B 32 4.82 -4.09 -11.47
N VAL B 33 4.79 -4.59 -12.71
CA VAL B 33 5.21 -5.94 -13.00
C VAL B 33 6.39 -5.95 -13.95
N ALA B 34 7.00 -7.12 -14.12
CA ALA B 34 8.31 -7.20 -14.77
C ALA B 34 8.15 -6.85 -16.24
N GLU B 35 9.17 -6.20 -16.78
CA GLU B 35 9.19 -5.83 -18.19
C GLU B 35 9.10 -7.08 -19.06
N PRO B 36 8.30 -7.04 -20.12
CA PRO B 36 8.24 -8.18 -21.00
C PRO B 36 9.48 -8.26 -21.91
N GLY B 37 9.55 -9.33 -22.69
CA GLY B 37 10.64 -9.53 -23.61
C GLY B 37 10.51 -8.63 -24.82
N THR B 38 11.50 -8.70 -25.71
CA THR B 38 11.69 -7.67 -26.72
C THR B 38 11.39 -8.22 -28.11
N ALA B 39 10.93 -9.45 -28.16
CA ALA B 39 10.55 -10.06 -29.43
C ALA B 39 9.04 -9.96 -29.58
N ARG B 40 8.60 -9.56 -30.76
CA ARG B 40 7.18 -9.65 -31.09
C ARG B 40 6.80 -11.12 -31.30
N PRO B 41 5.49 -11.42 -31.18
CA PRO B 41 5.08 -12.82 -31.31
C PRO B 41 5.53 -13.42 -32.63
N ALA B 42 5.92 -14.69 -32.58
CA ALA B 42 6.26 -15.47 -33.76
C ALA B 42 5.11 -15.52 -34.76
N GLY B 43 3.94 -15.96 -34.30
CA GLY B 43 2.79 -16.13 -35.18
C GLY B 43 2.21 -14.78 -35.57
N ARG B 44 1.23 -14.78 -36.46
CA ARG B 44 0.65 -13.54 -36.94
C ARG B 44 -0.47 -13.09 -36.02
N LEU B 45 -0.59 -11.78 -35.86
CA LEU B 45 -1.68 -11.19 -35.13
C LEU B 45 -2.84 -10.87 -36.06
N LEU B 46 -4.05 -10.85 -35.47
CA LEU B 46 -5.22 -10.30 -36.11
C LEU B 46 -5.66 -9.07 -35.35
N ALA B 47 -5.73 -7.95 -36.05
CA ALA B 47 -6.20 -6.70 -35.46
C ALA B 47 -7.61 -6.35 -35.91
N VAL B 48 -8.47 -6.07 -34.95
CA VAL B 48 -9.86 -5.75 -35.25
C VAL B 48 -10.11 -4.28 -34.99
N ILE B 49 -10.59 -3.61 -36.02
CA ILE B 49 -10.76 -2.16 -36.00
C ILE B 49 -12.21 -1.81 -36.32
N SER B 50 -12.69 -0.73 -35.72
CA SER B 50 -14.03 -0.23 -35.98
C SER B 50 -13.92 0.88 -37.03
N PRO B 51 -14.40 0.60 -38.25
CA PRO B 51 -13.93 1.36 -39.41
C PRO B 51 -14.21 2.86 -39.32
N ASP B 52 -15.31 3.26 -38.68
CA ASP B 52 -15.62 4.69 -38.57
C ASP B 52 -14.99 5.34 -37.33
N HIS B 53 -14.18 4.56 -36.61
CA HIS B 53 -13.57 5.03 -35.36
C HIS B 53 -12.16 4.47 -35.24
N ALA B 54 -11.39 4.64 -36.31
CA ALA B 54 -10.06 4.10 -36.41
C ALA B 54 -9.03 5.24 -36.47
N GLY B 55 -9.48 6.45 -36.14
CA GLY B 55 -8.72 7.65 -36.42
C GLY B 55 -7.91 8.13 -35.23
N ALA B 56 -8.26 7.66 -34.03
CA ALA B 56 -7.65 8.17 -32.81
C ALA B 56 -6.15 7.89 -32.83
N PRO B 57 -5.35 8.79 -32.26
CA PRO B 57 -3.90 8.63 -32.35
C PRO B 57 -3.42 7.29 -31.80
N TRP B 58 -3.99 6.85 -30.68
CA TRP B 58 -3.54 5.63 -30.05
C TRP B 58 -3.81 4.38 -30.93
N VAL B 59 -4.86 4.44 -31.72
CA VAL B 59 -5.21 3.33 -32.62
C VAL B 59 -4.17 3.20 -33.71
N THR B 60 -3.82 4.33 -34.31
CA THR B 60 -2.74 4.41 -35.28
C THR B 60 -1.41 3.90 -34.74
N ALA B 61 -1.08 4.33 -33.52
CA ALA B 61 0.20 3.98 -32.90
C ALA B 61 0.23 2.48 -32.61
N VAL B 62 -0.89 1.93 -32.16
CA VAL B 62 -0.96 0.49 -31.93
C VAL B 62 -0.83 -0.30 -33.22
N LEU B 63 -1.55 0.11 -34.27
CA LEU B 63 -1.44 -0.60 -35.54
C LEU B 63 -0.01 -0.60 -36.03
N ASP B 64 0.65 0.55 -35.87
CA ASP B 64 2.03 0.68 -36.29
C ASP B 64 2.94 -0.24 -35.47
N ALA B 65 2.70 -0.32 -34.17
CA ALA B 65 3.47 -1.23 -33.30
C ALA B 65 3.29 -2.72 -33.66
N LEU B 66 2.07 -3.10 -34.07
CA LEU B 66 1.81 -4.50 -34.41
C LEU B 66 2.49 -4.89 -35.72
N GLY B 67 2.76 -3.90 -36.57
CA GLY B 67 3.57 -4.14 -37.77
C GLY B 67 2.76 -4.63 -38.96
N PRO B 68 3.38 -4.64 -40.13
CA PRO B 68 2.64 -4.83 -41.39
C PRO B 68 2.18 -6.26 -41.63
N ASP B 69 2.82 -7.23 -40.98
CA ASP B 69 2.43 -8.64 -41.10
C ASP B 69 1.06 -8.91 -40.47
N THR B 70 0.66 -8.04 -39.55
CA THR B 70 -0.62 -8.17 -38.86
C THR B 70 -1.81 -8.06 -39.83
N VAL B 71 -2.74 -9.00 -39.73
CA VAL B 71 -3.90 -9.01 -40.60
C VAL B 71 -4.96 -8.14 -39.97
N ARG B 72 -5.65 -7.36 -40.81
CA ARG B 72 -6.64 -6.44 -40.32
C ARG B 72 -8.04 -6.87 -40.65
N PHE B 73 -8.94 -6.76 -39.66
CA PHE B 73 -10.33 -7.07 -39.87
C PHE B 73 -11.14 -5.86 -39.46
N GLU B 74 -11.91 -5.34 -40.38
CA GLU B 74 -12.75 -4.18 -40.10
C GLU B 74 -14.14 -4.64 -39.72
N ALA B 75 -14.49 -4.42 -38.45
CA ALA B 75 -15.78 -4.82 -37.93
C ALA B 75 -16.83 -3.76 -38.25
N LYS B 76 -17.62 -4.01 -39.29
CA LYS B 76 -18.65 -3.07 -39.73
C LYS B 76 -19.98 -3.39 -39.08
N GLY B 77 -20.61 -2.35 -38.54
CA GLY B 77 -21.94 -2.48 -37.95
C GLY B 77 -21.93 -3.38 -36.72
N THR B 78 -23.02 -4.09 -36.53
CA THR B 78 -23.11 -5.08 -35.48
C THR B 78 -23.92 -6.29 -35.95
N ASP B 79 -23.31 -7.09 -36.80
CA ASP B 79 -23.99 -8.28 -37.36
C ASP B 79 -23.20 -9.53 -37.00
N ARG B 80 -23.66 -10.26 -35.99
CA ARG B 80 -22.95 -11.43 -35.50
C ARG B 80 -22.69 -12.46 -36.59
N ALA B 81 -23.74 -12.83 -37.33
CA ALA B 81 -23.63 -13.85 -38.38
C ALA B 81 -22.66 -13.46 -39.49
N ALA B 82 -22.74 -12.22 -39.95
CA ALA B 82 -21.86 -11.77 -41.02
C ALA B 82 -20.39 -11.82 -40.59
N TRP B 83 -20.10 -11.34 -39.38
CA TRP B 83 -18.75 -11.37 -38.86
C TRP B 83 -18.22 -12.78 -38.69
N ALA B 84 -19.06 -13.66 -38.16
CA ALA B 84 -18.68 -15.07 -38.00
C ALA B 84 -18.18 -15.65 -39.32
N ALA B 85 -18.89 -15.33 -40.40
CA ALA B 85 -18.59 -15.85 -41.74
C ALA B 85 -17.32 -15.20 -42.32
N GLN B 86 -17.14 -13.92 -42.07
CA GLN B 86 -15.93 -13.21 -42.44
C GLN B 86 -14.72 -13.72 -41.67
N LEU B 87 -14.89 -13.94 -40.37
CA LEU B 87 -13.80 -14.46 -39.55
C LEU B 87 -13.43 -15.88 -39.97
N ALA B 88 -14.43 -16.68 -40.34
CA ALA B 88 -14.19 -18.08 -40.72
C ALA B 88 -13.40 -18.11 -42.03
N GLN B 89 -13.77 -17.23 -42.94
CA GLN B 89 -13.06 -17.07 -44.21
C GLN B 89 -11.61 -16.68 -43.97
N LEU B 90 -11.40 -15.71 -43.07
CA LEU B 90 -10.05 -15.22 -42.79
C LEU B 90 -9.19 -16.33 -42.22
N ARG B 91 -9.73 -17.03 -41.24
CA ARG B 91 -9.04 -18.17 -40.66
C ARG B 91 -8.63 -19.14 -41.77
N GLU B 92 -9.59 -19.49 -42.62
CA GLU B 92 -9.31 -20.37 -43.74
C GLU B 92 -8.17 -19.83 -44.61
N ASP B 93 -8.32 -18.60 -45.09
CA ASP B 93 -7.36 -18.01 -46.01
C ASP B 93 -5.99 -17.74 -45.37
N GLU B 94 -6.00 -17.23 -44.14
CA GLU B 94 -4.80 -16.65 -43.55
C GLU B 94 -4.16 -17.56 -42.51
N GLY B 95 -4.83 -18.67 -42.19
CA GLY B 95 -4.30 -19.62 -41.21
C GLY B 95 -4.53 -19.16 -39.78
N GLU B 96 -3.77 -19.74 -38.85
CA GLU B 96 -4.01 -19.53 -37.43
C GLU B 96 -3.28 -18.26 -36.94
N PHE B 97 -3.80 -17.68 -35.87
CA PHE B 97 -3.24 -16.42 -35.36
C PHE B 97 -2.70 -16.65 -33.97
N HIS B 98 -1.68 -15.89 -33.61
CA HIS B 98 -1.12 -15.98 -32.25
C HIS B 98 -2.07 -15.36 -31.24
N ALA B 99 -2.69 -14.25 -31.65
CA ALA B 99 -3.68 -13.56 -30.82
C ALA B 99 -4.56 -12.68 -31.69
N VAL B 100 -5.69 -12.26 -31.12
CA VAL B 100 -6.55 -11.26 -31.71
C VAL B 100 -6.47 -10.00 -30.87
N VAL B 101 -6.17 -8.87 -31.50
CA VAL B 101 -5.99 -7.60 -30.81
C VAL B 101 -7.08 -6.64 -31.22
N SER B 102 -8.02 -6.40 -30.30
CA SER B 102 -9.16 -5.54 -30.61
C SER B 102 -8.92 -4.08 -30.24
N LEU B 103 -9.20 -3.22 -31.21
CA LEU B 103 -9.16 -1.77 -31.05
C LEU B 103 -10.56 -1.18 -31.12
N LEU B 104 -11.56 -2.02 -30.86
CA LEU B 104 -12.95 -1.59 -30.95
C LEU B 104 -13.36 -0.59 -29.89
N ALA B 105 -12.62 -0.51 -28.79
CA ALA B 105 -12.92 0.44 -27.70
C ALA B 105 -12.94 1.91 -28.13
N ALA B 106 -12.20 2.22 -29.20
CA ALA B 106 -12.14 3.58 -29.68
C ALA B 106 -13.52 4.08 -30.11
N ALA B 107 -14.43 3.17 -30.44
CA ALA B 107 -15.79 3.57 -30.81
C ALA B 107 -16.59 3.89 -29.57
N GLU B 108 -16.54 5.15 -29.16
CA GLU B 108 -17.18 5.58 -27.93
C GLU B 108 -18.60 6.09 -28.18
N ALA B 109 -18.91 6.45 -29.43
CA ALA B 109 -20.24 6.96 -29.77
C ALA B 109 -21.29 5.92 -29.42
N LEU B 110 -22.44 6.36 -28.96
CA LEU B 110 -23.53 5.45 -28.64
C LEU B 110 -24.12 4.80 -29.89
N HIS B 111 -24.50 3.54 -29.74
CA HIS B 111 -25.08 2.78 -30.84
C HIS B 111 -26.41 3.44 -31.25
N THR B 112 -26.63 3.60 -32.55
CA THR B 112 -27.80 4.36 -33.01
C THR B 112 -29.13 3.69 -32.66
N ASP B 113 -29.14 2.37 -32.51
CA ASP B 113 -30.37 1.64 -32.14
C ASP B 113 -30.49 1.27 -30.66
N HIS B 114 -29.43 1.51 -29.89
CA HIS B 114 -29.41 1.12 -28.48
C HIS B 114 -28.67 2.22 -27.72
N GLY B 115 -29.44 3.19 -27.24
CA GLY B 115 -28.91 4.50 -26.87
C GLY B 115 -28.06 4.47 -25.62
N SER B 116 -28.05 3.35 -24.92
CA SER B 116 -27.26 3.23 -23.70
C SER B 116 -26.01 2.36 -23.89
N VAL B 117 -25.82 1.87 -25.10
CA VAL B 117 -24.68 1.01 -25.40
C VAL B 117 -23.66 1.74 -26.27
N PRO B 118 -22.47 2.00 -25.73
CA PRO B 118 -21.39 2.47 -26.61
C PRO B 118 -21.17 1.51 -27.77
N LEU B 119 -20.96 2.03 -28.97
CA LEU B 119 -20.78 1.18 -30.15
C LEU B 119 -19.63 0.19 -29.93
N GLY B 120 -18.52 0.67 -29.39
CA GLY B 120 -17.36 -0.19 -29.15
C GLY B 120 -17.66 -1.36 -28.25
N LEU B 121 -18.50 -1.13 -27.24
CA LEU B 121 -18.89 -2.16 -26.31
C LEU B 121 -19.73 -3.22 -27.00
N ALA B 122 -20.74 -2.77 -27.74
CA ALA B 122 -21.56 -3.65 -28.54
C ALA B 122 -20.70 -4.49 -29.47
N GLN B 123 -19.79 -3.84 -30.19
CA GLN B 123 -18.98 -4.55 -31.18
C GLN B 123 -17.99 -5.54 -30.53
N THR B 124 -17.46 -5.19 -29.37
CA THR B 124 -16.63 -6.13 -28.62
C THR B 124 -17.40 -7.38 -28.19
N LEU B 125 -18.63 -7.21 -27.70
CA LEU B 125 -19.47 -8.36 -27.36
C LEU B 125 -19.63 -9.26 -28.59
N LEU B 126 -20.04 -8.67 -29.71
CA LEU B 126 -20.32 -9.43 -30.91
C LEU B 126 -19.05 -10.07 -31.45
N LEU B 127 -17.92 -9.40 -31.28
CA LEU B 127 -16.65 -9.97 -31.70
C LEU B 127 -16.34 -11.23 -30.91
N ALA B 128 -16.49 -11.15 -29.59
CA ALA B 128 -16.26 -12.30 -28.72
C ALA B 128 -17.19 -13.45 -29.08
N GLN B 129 -18.43 -13.13 -29.42
CA GLN B 129 -19.39 -14.13 -29.89
C GLN B 129 -18.98 -14.74 -31.23
N ALA B 130 -18.62 -13.89 -32.19
CA ALA B 130 -18.37 -14.34 -33.56
C ALA B 130 -17.05 -15.13 -33.67
N LEU B 131 -16.05 -14.79 -32.86
CA LEU B 131 -14.79 -15.55 -32.82
C LEU B 131 -15.04 -16.99 -32.37
N GLY B 132 -15.84 -17.14 -31.33
CA GLY B 132 -16.33 -18.46 -30.91
C GLY B 132 -17.08 -19.17 -32.01
N ASP B 133 -18.02 -18.47 -32.66
CA ASP B 133 -18.82 -19.06 -33.72
C ASP B 133 -17.91 -19.61 -34.81
N ALA B 134 -16.83 -18.88 -35.10
CA ALA B 134 -15.99 -19.17 -36.26
C ALA B 134 -14.87 -20.15 -35.94
N GLY B 135 -14.68 -20.41 -34.65
CA GLY B 135 -13.64 -21.32 -34.20
C GLY B 135 -12.26 -20.71 -34.24
N LEU B 136 -12.18 -19.39 -34.16
CA LEU B 136 -10.88 -18.73 -34.13
C LEU B 136 -10.49 -18.59 -32.67
N THR B 137 -9.52 -19.39 -32.24
CA THR B 137 -9.32 -19.60 -30.80
C THR B 137 -8.14 -18.80 -30.23
N ALA B 138 -7.45 -18.07 -31.07
CA ALA B 138 -6.37 -17.20 -30.63
C ALA B 138 -6.85 -16.25 -29.52
N PRO B 139 -6.06 -16.12 -28.47
CA PRO B 139 -6.50 -15.32 -27.33
C PRO B 139 -6.87 -13.90 -27.74
N LEU B 140 -8.01 -13.43 -27.22
CA LEU B 140 -8.52 -12.09 -27.51
C LEU B 140 -8.03 -11.07 -26.49
N TRP B 141 -7.34 -10.03 -26.97
CA TRP B 141 -6.89 -8.94 -26.13
C TRP B 141 -7.67 -7.70 -26.49
N CYS B 142 -8.23 -7.04 -25.46
CA CYS B 142 -8.97 -5.81 -25.70
C CYS B 142 -8.14 -4.62 -25.21
N LEU B 143 -7.87 -3.69 -26.11
CA LEU B 143 -7.07 -2.52 -25.78
C LEU B 143 -7.95 -1.30 -25.53
N THR B 144 -7.55 -0.48 -24.58
CA THR B 144 -8.26 0.75 -24.26
C THR B 144 -7.24 1.86 -24.03
N ARG B 145 -7.70 3.11 -24.02
CA ARG B 145 -6.83 4.25 -23.75
C ARG B 145 -7.53 5.18 -22.77
N GLY B 146 -7.05 5.16 -21.51
CA GLY B 146 -7.64 5.97 -20.45
C GLY B 146 -8.95 5.42 -19.88
N GLY B 147 -9.12 4.10 -19.98
CA GLY B 147 -10.24 3.42 -19.36
C GLY B 147 -9.99 2.95 -17.93
N VAL B 148 -8.77 3.12 -17.43
CA VAL B 148 -8.49 2.89 -16.00
C VAL B 148 -7.58 3.99 -15.50
N ALA B 149 -7.58 4.17 -14.18
CA ALA B 149 -6.66 5.07 -13.50
C ALA B 149 -5.61 4.23 -12.81
N ALA B 150 -4.46 4.09 -13.46
CA ALA B 150 -3.39 3.27 -12.96
C ALA B 150 -2.13 4.06 -12.69
N GLY B 151 -1.67 4.00 -11.45
CA GLY B 151 -0.51 4.75 -11.05
C GLY B 151 -0.89 6.07 -10.42
N ARG B 152 0.02 6.61 -9.63
CA ARG B 152 -0.25 7.85 -8.94
C ARG B 152 -0.49 8.98 -9.92
N GLY B 153 -1.59 9.68 -9.71
CA GLY B 153 -1.95 10.79 -10.55
C GLY B 153 -2.43 10.45 -11.96
N ASP B 154 -2.79 9.20 -12.20
CA ASP B 154 -3.25 8.82 -13.52
C ASP B 154 -4.61 9.44 -13.79
N VAL B 155 -4.86 9.81 -15.02
CA VAL B 155 -6.14 10.43 -15.36
C VAL B 155 -6.96 9.44 -16.19
N LEU B 156 -8.08 8.99 -15.63
CA LEU B 156 -9.06 8.20 -16.36
C LEU B 156 -9.90 9.11 -17.24
N SER B 157 -9.56 9.15 -18.52
CA SER B 157 -10.12 10.12 -19.44
C SER B 157 -11.34 9.57 -20.19
N SER B 158 -11.53 8.25 -20.18
CA SER B 158 -12.68 7.67 -20.90
C SER B 158 -13.45 6.63 -20.07
N PRO B 159 -14.47 7.09 -19.36
CA PRO B 159 -15.24 6.11 -18.58
C PRO B 159 -16.06 5.15 -19.46
N VAL B 160 -16.34 5.54 -20.69
CA VAL B 160 -16.97 4.65 -21.63
C VAL B 160 -16.10 3.44 -21.94
N GLN B 161 -14.81 3.68 -22.16
CA GLN B 161 -13.89 2.57 -22.37
C GLN B 161 -13.71 1.76 -21.11
N GLY B 162 -13.96 2.39 -19.96
CA GLY B 162 -13.83 1.70 -18.68
C GLY B 162 -14.88 0.60 -18.53
N ALA B 163 -16.06 0.81 -19.10
CA ALA B 163 -17.10 -0.21 -19.11
C ALA B 163 -16.60 -1.50 -19.76
N LEU B 164 -15.79 -1.36 -20.79
CA LEU B 164 -15.30 -2.54 -21.50
C LEU B 164 -14.44 -3.49 -20.66
N TRP B 165 -13.84 -2.98 -19.60
CA TRP B 165 -13.11 -3.82 -18.66
C TRP B 165 -14.04 -4.70 -17.84
N GLY B 166 -15.24 -4.19 -17.52
CA GLY B 166 -16.24 -5.01 -16.86
C GLY B 166 -16.66 -6.22 -17.67
N LEU B 167 -16.94 -5.98 -18.94
CA LEU B 167 -17.27 -7.02 -19.88
C LEU B 167 -16.09 -7.98 -20.02
N GLY B 168 -14.91 -7.43 -20.25
CA GLY B 168 -13.73 -8.26 -20.49
C GLY B 168 -13.47 -9.27 -19.40
N ARG B 169 -13.58 -8.87 -18.14
CA ARG B 169 -13.34 -9.79 -17.03
C ARG B 169 -14.32 -10.97 -17.08
N VAL B 170 -15.56 -10.71 -17.47
CA VAL B 170 -16.53 -11.79 -17.57
C VAL B 170 -16.26 -12.70 -18.75
N ILE B 171 -15.77 -12.13 -19.85
CA ILE B 171 -15.30 -12.96 -20.96
C ILE B 171 -14.18 -13.91 -20.50
N GLY B 172 -13.33 -13.44 -19.59
CA GLY B 172 -12.24 -14.27 -19.04
C GLY B 172 -12.71 -15.40 -18.13
N LEU B 173 -13.85 -15.20 -17.48
CA LEU B 173 -14.48 -16.26 -16.69
C LEU B 173 -15.25 -17.27 -17.54
N GLU B 174 -15.89 -16.80 -18.61
CA GLU B 174 -16.77 -17.65 -19.39
C GLU B 174 -16.03 -18.35 -20.53
N HIS B 175 -15.02 -17.70 -21.07
CA HIS B 175 -14.20 -18.29 -22.14
C HIS B 175 -12.72 -18.17 -21.82
N PRO B 176 -12.29 -18.75 -20.68
CA PRO B 176 -10.91 -18.58 -20.19
C PRO B 176 -9.84 -19.05 -21.17
N ASP B 177 -10.16 -20.01 -22.01
CA ASP B 177 -9.13 -20.55 -22.88
C ASP B 177 -8.88 -19.72 -24.14
N ARG B 178 -9.78 -18.80 -24.49
CA ARG B 178 -9.54 -17.92 -25.62
C ARG B 178 -9.63 -16.44 -25.26
N TRP B 179 -9.38 -16.13 -24.00
CA TRP B 179 -9.31 -14.76 -23.53
C TRP B 179 -7.85 -14.42 -23.24
N GLY B 180 -7.39 -13.32 -23.80
CA GLY B 180 -6.05 -12.84 -23.49
C GLY B 180 -6.05 -11.92 -22.28
N GLY B 181 -6.77 -10.81 -22.41
CA GLY B 181 -6.92 -9.87 -21.32
C GLY B 181 -7.17 -8.46 -21.83
N LEU B 182 -6.87 -7.51 -20.96
CA LEU B 182 -7.13 -6.10 -21.19
C LEU B 182 -5.82 -5.34 -20.98
N ILE B 183 -5.51 -4.43 -21.91
CA ILE B 183 -4.37 -3.53 -21.75
C ILE B 183 -4.81 -2.09 -22.02
N ASP B 184 -4.55 -1.21 -21.06
CA ASP B 184 -4.76 0.21 -21.26
C ASP B 184 -3.46 0.87 -21.73
N LEU B 185 -3.56 1.66 -22.79
CA LEU B 185 -2.39 2.32 -23.36
C LEU B 185 -2.24 3.69 -22.74
N PRO B 186 -1.01 4.23 -22.74
CA PRO B 186 -0.77 5.60 -22.33
C PRO B 186 -1.21 6.62 -23.39
N GLU B 187 -1.24 7.88 -22.99
CA GLU B 187 -1.62 8.98 -23.89
C GLU B 187 -0.69 9.02 -25.10
N THR B 188 0.59 8.71 -24.86
CA THR B 188 1.58 8.71 -25.91
C THR B 188 2.17 7.32 -26.02
N VAL B 189 1.81 6.63 -27.09
CA VAL B 189 2.39 5.34 -27.41
C VAL B 189 3.68 5.54 -28.18
N ASP B 190 4.76 5.78 -27.44
CA ASP B 190 6.11 5.84 -28.01
C ASP B 190 6.74 4.44 -28.12
N THR B 191 8.03 4.40 -28.45
CA THR B 191 8.70 3.14 -28.75
C THR B 191 8.80 2.23 -27.52
N ARG B 192 9.00 2.82 -26.34
CA ARG B 192 8.97 2.07 -25.09
C ARG B 192 7.62 1.39 -24.90
N ALA B 193 6.55 2.17 -25.09
CA ALA B 193 5.21 1.68 -24.86
C ALA B 193 4.84 0.63 -25.89
N ALA B 194 5.26 0.83 -27.14
CA ALA B 194 5.06 -0.16 -28.20
C ALA B 194 5.75 -1.50 -27.91
N ALA B 195 7.01 -1.46 -27.50
CA ALA B 195 7.75 -2.68 -27.17
C ALA B 195 7.10 -3.37 -25.97
N ARG B 196 6.59 -2.60 -25.03
CA ARG B 196 5.86 -3.19 -23.90
C ARG B 196 4.59 -3.88 -24.36
N LEU B 197 3.89 -3.28 -25.34
CA LEU B 197 2.67 -3.87 -25.86
C LEU B 197 2.94 -5.18 -26.60
N THR B 198 3.89 -5.15 -27.53
CA THR B 198 4.17 -6.34 -28.34
C THR B 198 4.86 -7.45 -27.53
N GLY B 199 5.64 -7.05 -26.54
CA GLY B 199 6.16 -7.99 -25.55
C GLY B 199 5.09 -8.73 -24.76
N LEU B 200 4.11 -8.01 -24.22
CA LEU B 200 3.00 -8.63 -23.50
C LEU B 200 2.19 -9.58 -24.38
N LEU B 201 1.99 -9.22 -25.63
CA LEU B 201 1.27 -10.07 -26.57
C LEU B 201 2.06 -11.34 -26.86
N ALA B 202 3.39 -11.25 -26.86
CA ALA B 202 4.24 -12.44 -26.92
C ALA B 202 4.09 -13.31 -25.67
N ASP B 203 4.28 -12.71 -24.50
CA ASP B 203 4.02 -13.41 -23.24
C ASP B 203 3.77 -12.41 -22.13
N ALA B 204 2.70 -12.62 -21.39
CA ALA B 204 2.24 -11.64 -20.43
C ALA B 204 2.55 -12.10 -19.01
N GLY B 205 3.26 -13.22 -18.87
CA GLY B 205 3.63 -13.72 -17.54
C GLY B 205 2.46 -14.00 -16.59
N GLY B 206 1.35 -14.47 -17.13
CA GLY B 206 0.17 -14.76 -16.34
C GLY B 206 -0.69 -13.55 -15.97
N GLU B 207 -0.28 -12.35 -16.37
CA GLU B 207 -1.08 -11.15 -16.14
C GLU B 207 -2.14 -10.99 -17.23
N ASP B 208 -3.28 -10.41 -16.89
CA ASP B 208 -4.34 -10.24 -17.86
C ASP B 208 -5.16 -8.98 -17.64
N GLN B 209 -4.67 -8.09 -16.79
CA GLN B 209 -5.31 -6.79 -16.56
C GLN B 209 -4.25 -5.71 -16.33
N LEU B 210 -3.87 -5.03 -17.42
CA LEU B 210 -2.59 -4.36 -17.50
C LEU B 210 -2.75 -2.94 -17.96
N ALA B 211 -1.90 -2.06 -17.46
CA ALA B 211 -1.85 -0.70 -17.93
C ALA B 211 -0.42 -0.35 -18.31
N ILE B 212 -0.24 0.13 -19.52
CA ILE B 212 1.07 0.53 -19.97
C ILE B 212 1.18 2.02 -19.69
N ARG B 213 2.14 2.53 -19.15
CA ARG B 213 2.40 3.86 -18.65
C ARG B 213 3.88 4.18 -18.82
N GLY B 214 4.33 5.36 -18.85
CA GLY B 214 5.69 5.73 -19.11
C GLY B 214 6.68 5.13 -18.13
N SER B 215 6.31 5.09 -16.87
CA SER B 215 7.14 4.51 -15.83
C SER B 215 7.29 3.00 -15.86
N GLY B 216 6.43 2.31 -16.61
CA GLY B 216 6.46 0.85 -16.66
C GLY B 216 5.11 0.21 -16.95
N VAL B 217 5.04 -1.10 -16.71
CA VAL B 217 3.82 -1.86 -16.92
C VAL B 217 3.21 -2.20 -15.55
N LEU B 218 1.96 -1.80 -15.36
CA LEU B 218 1.26 -2.01 -14.10
C LEU B 218 0.16 -3.05 -14.29
N ALA B 219 -0.10 -3.82 -13.26
CA ALA B 219 -1.18 -4.80 -13.27
C ALA B 219 -2.13 -4.61 -12.12
N ARG B 220 -3.37 -5.04 -12.35
CA ARG B 220 -4.49 -4.77 -11.46
C ARG B 220 -4.51 -5.74 -10.30
N ARG B 221 -4.66 -5.19 -9.10
CA ARG B 221 -4.57 -5.96 -7.88
C ARG B 221 -5.73 -5.59 -6.95
N LEU B 222 -6.23 -6.57 -6.21
CA LEU B 222 -7.20 -6.35 -5.17
C LEU B 222 -6.51 -6.51 -3.81
N ALA B 223 -6.74 -5.56 -2.91
CA ALA B 223 -6.13 -5.55 -1.57
C ALA B 223 -7.17 -5.20 -0.50
N HIS B 224 -6.99 -5.72 0.72
CA HIS B 224 -7.67 -5.17 1.89
C HIS B 224 -7.44 -3.67 1.98
N ALA B 225 -8.48 -2.92 2.29
CA ALA B 225 -8.29 -1.50 2.58
C ALA B 225 -7.67 -1.37 3.99
N ALA B 226 -6.95 -0.29 4.23
CA ALA B 226 -6.40 -0.05 5.57
C ALA B 226 -7.55 0.25 6.52
N PRO B 227 -7.47 -0.29 7.75
CA PRO B 227 -8.47 -0.02 8.77
C PRO B 227 -8.67 1.47 8.98
N ALA B 228 -9.95 1.86 9.10
CA ALA B 228 -10.33 3.24 9.32
C ALA B 228 -9.53 3.80 10.49
N VAL B 229 -9.05 5.02 10.34
CA VAL B 229 -8.42 5.72 11.47
C VAL B 229 -9.48 6.48 12.26
N PRO B 230 -9.74 6.05 13.50
CA PRO B 230 -10.78 6.70 14.31
C PRO B 230 -10.54 8.20 14.45
N GLY B 231 -11.62 8.98 14.39
CA GLY B 231 -11.58 10.40 14.71
C GLY B 231 -11.05 11.29 13.59
N SER B 232 -11.00 10.75 12.38
CA SER B 232 -10.18 11.32 11.31
C SER B 232 -11.03 11.66 10.11
N GLY B 233 -12.33 11.78 10.31
CA GLY B 233 -13.26 11.96 9.20
C GLY B 233 -13.14 13.35 8.60
N LYS B 234 -13.24 13.41 7.28
CA LYS B 234 -13.36 14.70 6.58
C LYS B 234 -14.64 14.79 5.75
N ARG B 235 -15.67 14.05 6.15
CA ARG B 235 -16.96 14.12 5.46
C ARG B 235 -17.72 15.35 5.94
N PRO B 236 -18.18 16.20 5.01
CA PRO B 236 -19.07 17.28 5.44
C PRO B 236 -20.35 16.74 6.09
N PRO B 237 -20.94 17.52 7.00
CA PRO B 237 -22.27 17.19 7.53
C PRO B 237 -23.28 16.99 6.42
N VAL B 238 -24.13 16.01 6.57
CA VAL B 238 -25.26 15.81 5.68
C VAL B 238 -26.30 16.88 5.98
N HIS B 239 -26.75 17.57 4.93
CA HIS B 239 -27.73 18.64 5.08
C HIS B 239 -28.43 18.90 3.76
N GLY B 240 -29.43 19.77 3.77
CA GLY B 240 -30.18 20.15 2.55
C GLY B 240 -30.85 18.97 1.88
N SER B 241 -30.93 18.99 0.54
CA SER B 241 -31.62 17.93 -0.21
C SER B 241 -30.63 16.87 -0.71
N VAL B 242 -31.00 15.60 -0.52
CA VAL B 242 -30.20 14.46 -1.00
C VAL B 242 -31.07 13.58 -1.88
N LEU B 243 -30.60 13.40 -3.11
CA LEU B 243 -31.25 12.57 -4.09
C LEU B 243 -30.73 11.13 -3.97
N VAL B 244 -31.67 10.21 -3.78
CA VAL B 244 -31.38 8.79 -3.85
C VAL B 244 -32.18 8.18 -4.99
N THR B 245 -31.52 7.91 -6.10
CA THR B 245 -32.17 7.19 -7.20
C THR B 245 -32.28 5.72 -6.82
N GLY B 246 -33.34 5.06 -7.26
CA GLY B 246 -33.72 3.75 -6.72
C GLY B 246 -34.02 3.80 -5.24
N GLY B 247 -34.45 4.97 -4.76
CA GLY B 247 -34.54 5.23 -3.33
C GLY B 247 -35.67 4.49 -2.65
N THR B 248 -36.59 3.96 -3.46
CA THR B 248 -37.67 3.13 -2.97
C THR B 248 -37.33 1.66 -2.92
N GLY B 249 -36.18 1.30 -3.49
CA GLY B 249 -35.72 -0.10 -3.49
C GLY B 249 -35.06 -0.48 -2.19
N GLY B 250 -34.43 -1.64 -2.16
CA GLY B 250 -33.96 -2.25 -0.92
C GLY B 250 -32.87 -1.43 -0.23
N ILE B 251 -31.73 -1.32 -0.89
CA ILE B 251 -30.60 -0.63 -0.31
C ILE B 251 -30.91 0.84 -0.20
N GLY B 252 -31.57 1.36 -1.24
CA GLY B 252 -31.92 2.77 -1.31
C GLY B 252 -32.72 3.27 -0.13
N GLY B 253 -33.74 2.52 0.28
CA GLY B 253 -34.53 2.87 1.44
C GLY B 253 -33.70 2.93 2.72
N ARG B 254 -32.77 1.98 2.85
CA ARG B 254 -31.96 1.88 4.06
C ARG B 254 -30.96 3.04 4.07
N VAL B 255 -30.50 3.40 2.88
CA VAL B 255 -29.62 4.54 2.72
C VAL B 255 -30.35 5.85 3.01
N ALA B 256 -31.61 5.93 2.60
CA ALA B 256 -32.42 7.12 2.85
C ALA B 256 -32.67 7.34 4.35
N ARG B 257 -32.99 6.25 5.05
CA ARG B 257 -33.12 6.30 6.50
C ARG B 257 -31.85 6.83 7.18
N ARG B 258 -30.73 6.24 6.81
CA ARG B 258 -29.46 6.63 7.39
C ARG B 258 -29.19 8.14 7.19
N LEU B 259 -29.46 8.63 5.98
CA LEU B 259 -29.21 10.02 5.64
C LEU B 259 -30.12 10.96 6.44
N ALA B 260 -31.34 10.50 6.68
CA ALA B 260 -32.29 11.21 7.52
C ALA B 260 -31.76 11.33 8.96
N GLU B 261 -31.20 10.25 9.48
CA GLU B 261 -30.62 10.25 10.82
C GLU B 261 -29.41 11.16 10.91
N GLN B 262 -28.68 11.30 9.81
CA GLN B 262 -27.43 12.06 9.78
C GLN B 262 -27.65 13.55 9.46
N GLY B 263 -28.88 13.96 9.19
CA GLY B 263 -29.23 15.38 9.16
C GLY B 263 -29.73 15.93 7.83
N ALA B 264 -29.98 15.08 6.84
CA ALA B 264 -30.62 15.55 5.61
C ALA B 264 -31.90 16.30 5.97
N ALA B 265 -32.18 17.39 5.27
CA ALA B 265 -33.42 18.11 5.49
C ALA B 265 -34.53 17.59 4.58
N HIS B 266 -34.15 16.96 3.47
CA HIS B 266 -35.10 16.62 2.42
C HIS B 266 -34.55 15.44 1.65
N LEU B 267 -35.29 14.34 1.64
CA LEU B 267 -34.93 13.16 0.84
C LEU B 267 -35.80 13.06 -0.39
N VAL B 268 -35.14 13.08 -1.54
CA VAL B 268 -35.79 12.92 -2.83
C VAL B 268 -35.55 11.51 -3.36
N LEU B 269 -36.57 10.67 -3.28
CA LEU B 269 -36.44 9.29 -3.70
C LEU B 269 -37.07 9.11 -5.08
N THR B 270 -36.33 8.50 -5.99
CA THR B 270 -36.87 8.20 -7.31
C THR B 270 -36.82 6.72 -7.67
N SER B 271 -37.69 6.37 -8.60
CA SER B 271 -37.71 5.06 -9.22
C SER B 271 -38.75 5.16 -10.33
N ARG B 272 -38.78 4.17 -11.21
CA ARG B 272 -39.75 4.19 -12.32
C ARG B 272 -41.20 4.16 -11.79
N ARG B 273 -41.41 3.44 -10.69
CA ARG B 273 -42.75 3.28 -10.11
C ARG B 273 -43.10 4.40 -9.11
N GLY B 274 -42.07 5.01 -8.53
CA GLY B 274 -42.25 6.07 -7.56
C GLY B 274 -43.12 5.69 -6.38
N ALA B 275 -44.20 6.45 -6.18
CA ALA B 275 -45.05 6.25 -5.01
C ALA B 275 -45.86 4.96 -5.13
N ASP B 276 -45.83 4.34 -6.30
CA ASP B 276 -46.46 3.04 -6.48
C ASP B 276 -45.53 1.89 -6.18
N ALA B 277 -44.27 2.16 -5.86
CA ALA B 277 -43.33 1.08 -5.58
C ALA B 277 -43.78 0.37 -4.32
N PRO B 278 -43.63 -0.96 -4.28
CA PRO B 278 -43.96 -1.68 -3.05
C PRO B 278 -43.18 -1.12 -1.85
N GLY B 279 -43.91 -0.84 -0.77
CA GLY B 279 -43.33 -0.37 0.47
C GLY B 279 -43.12 1.14 0.55
N ALA B 280 -43.55 1.87 -0.50
CA ALA B 280 -43.20 3.28 -0.60
C ALA B 280 -43.91 4.14 0.45
N ALA B 281 -45.17 3.80 0.73
CA ALA B 281 -45.97 4.57 1.68
C ALA B 281 -45.43 4.41 3.09
N GLU B 282 -44.95 3.22 3.41
CA GLU B 282 -44.34 2.93 4.71
C GLU B 282 -42.96 3.57 4.85
N LEU B 283 -42.21 3.67 3.75
CA LEU B 283 -40.92 4.32 3.77
C LEU B 283 -41.05 5.84 3.93
N ARG B 284 -42.06 6.41 3.29
CA ARG B 284 -42.32 7.83 3.46
C ARG B 284 -42.70 8.17 4.91
N ALA B 285 -43.57 7.36 5.51
CA ALA B 285 -43.98 7.59 6.91
C ALA B 285 -42.80 7.41 7.87
N GLU B 286 -42.01 6.37 7.64
CA GLU B 286 -40.74 6.19 8.36
C GLU B 286 -39.89 7.46 8.34
N LEU B 287 -39.64 7.99 7.15
CA LEU B 287 -38.75 9.14 7.01
C LEU B 287 -39.36 10.40 7.60
N GLU B 288 -40.67 10.53 7.50
CA GLU B 288 -41.36 11.68 8.08
C GLU B 288 -41.33 11.68 9.62
N GLN B 289 -41.34 10.50 10.22
CA GLN B 289 -41.17 10.41 11.68
C GLN B 289 -39.80 10.94 12.12
N LEU B 290 -38.83 10.85 11.22
CA LEU B 290 -37.47 11.28 11.52
C LEU B 290 -37.28 12.78 11.28
N GLY B 291 -38.35 13.45 10.86
CA GLY B 291 -38.36 14.91 10.81
C GLY B 291 -37.87 15.47 9.49
N VAL B 292 -37.98 14.64 8.44
CA VAL B 292 -37.43 14.99 7.15
C VAL B 292 -38.57 15.19 6.14
N ARG B 293 -38.44 16.21 5.31
CA ARG B 293 -39.28 16.33 4.11
C ARG B 293 -38.99 15.17 3.15
N VAL B 294 -40.04 14.63 2.55
CA VAL B 294 -39.89 13.51 1.66
C VAL B 294 -40.57 13.78 0.33
N THR B 295 -39.81 13.62 -0.74
CA THR B 295 -40.35 13.66 -2.07
C THR B 295 -40.09 12.31 -2.70
N ILE B 296 -41.14 11.67 -3.19
CA ILE B 296 -41.01 10.44 -3.95
C ILE B 296 -41.52 10.65 -5.35
N ALA B 297 -40.63 10.53 -6.33
CA ALA B 297 -41.00 10.84 -7.71
C ALA B 297 -40.87 9.61 -8.58
N ALA B 298 -41.82 9.46 -9.49
CA ALA B 298 -41.77 8.40 -10.49
C ALA B 298 -41.05 8.93 -11.71
N CYS B 299 -39.89 8.37 -12.01
CA CYS B 299 -39.21 8.71 -13.22
C CYS B 299 -37.98 7.87 -13.46
N ASP B 300 -37.79 7.58 -14.74
CA ASP B 300 -36.65 6.82 -15.21
C ASP B 300 -35.41 7.69 -15.03
N ALA B 301 -34.40 7.16 -14.34
CA ALA B 301 -33.18 7.91 -14.10
C ALA B 301 -32.41 8.18 -15.40
N ALA B 302 -32.69 7.42 -16.46
CA ALA B 302 -32.12 7.71 -17.78
C ALA B 302 -32.83 8.86 -18.53
N ASP B 303 -33.91 9.39 -17.96
CA ASP B 303 -34.64 10.54 -18.51
C ASP B 303 -34.06 11.88 -18.02
N ARG B 304 -33.25 12.52 -18.85
CA ARG B 304 -32.53 13.74 -18.47
C ARG B 304 -33.48 14.89 -18.12
N GLU B 305 -34.52 15.05 -18.91
CA GLU B 305 -35.48 16.14 -18.71
C GLU B 305 -36.22 16.02 -17.39
N ALA B 306 -36.63 14.81 -17.04
CA ALA B 306 -37.29 14.57 -15.77
C ALA B 306 -36.37 14.85 -14.60
N LEU B 307 -35.11 14.44 -14.73
CA LEU B 307 -34.14 14.74 -13.68
C LEU B 307 -33.95 16.23 -13.53
N ALA B 308 -33.76 16.93 -14.64
CA ALA B 308 -33.59 18.37 -14.59
C ALA B 308 -34.75 19.04 -13.87
N ALA B 309 -35.98 18.59 -14.17
CA ALA B 309 -37.19 19.20 -13.62
C ALA B 309 -37.29 18.94 -12.11
N LEU B 310 -36.84 17.78 -11.70
CA LEU B 310 -36.74 17.46 -10.28
C LEU B 310 -35.78 18.40 -9.56
N LEU B 311 -34.59 18.59 -10.13
CA LEU B 311 -33.59 19.45 -9.50
C LEU B 311 -34.03 20.93 -9.47
N ALA B 312 -34.74 21.35 -10.52
CA ALA B 312 -35.16 22.75 -10.63
C ALA B 312 -36.21 23.17 -9.56
N GLU B 313 -36.88 22.20 -8.94
CA GLU B 313 -37.99 22.49 -8.04
C GLU B 313 -37.62 22.22 -6.58
N LEU B 314 -36.35 22.01 -6.33
CA LEU B 314 -35.91 21.82 -4.95
C LEU B 314 -36.15 23.07 -4.11
N PRO B 315 -36.43 22.91 -2.80
CA PRO B 315 -36.66 24.11 -2.00
C PRO B 315 -35.42 25.01 -1.97
N GLU B 316 -35.66 26.32 -1.94
CA GLU B 316 -34.58 27.31 -1.83
C GLU B 316 -33.81 27.18 -0.52
N ASP B 317 -34.48 26.68 0.51
CA ASP B 317 -33.86 26.43 1.82
C ASP B 317 -33.01 25.14 1.85
N ALA B 318 -33.25 24.24 0.89
CA ALA B 318 -32.60 22.93 0.88
C ALA B 318 -32.11 22.59 -0.52
N PRO B 319 -30.99 23.22 -0.93
CA PRO B 319 -30.38 22.86 -2.22
C PRO B 319 -29.81 21.43 -2.21
N LEU B 320 -29.60 20.87 -3.39
CA LEU B 320 -28.97 19.57 -3.53
C LEU B 320 -27.58 19.61 -2.93
N THR B 321 -27.29 18.69 -2.03
CA THR B 321 -25.95 18.57 -1.49
C THR B 321 -25.27 17.24 -1.80
N ALA B 322 -26.08 16.20 -2.06
CA ALA B 322 -25.54 14.87 -2.38
C ALA B 322 -26.44 14.06 -3.32
N VAL B 323 -25.80 13.20 -4.12
CA VAL B 323 -26.49 12.18 -4.89
C VAL B 323 -25.98 10.78 -4.50
N PHE B 324 -26.93 9.88 -4.31
CA PHE B 324 -26.67 8.46 -4.07
C PHE B 324 -27.39 7.70 -5.17
N HIS B 325 -26.63 7.14 -6.11
CA HIS B 325 -27.23 6.48 -7.26
C HIS B 325 -27.41 4.98 -7.03
N SER B 326 -28.63 4.59 -6.68
CA SER B 326 -28.95 3.20 -6.32
C SER B 326 -29.86 2.53 -7.35
N ALA B 327 -30.30 3.29 -8.36
CA ALA B 327 -31.09 2.73 -9.44
C ALA B 327 -30.28 1.64 -10.14
N GLY B 328 -30.91 0.51 -10.44
CA GLY B 328 -30.27 -0.54 -11.21
C GLY B 328 -31.13 -1.78 -11.30
N VAL B 329 -30.91 -2.54 -12.37
CA VAL B 329 -31.48 -3.87 -12.50
C VAL B 329 -30.36 -4.86 -12.84
N ALA B 330 -30.54 -6.11 -12.41
CA ALA B 330 -29.58 -7.17 -12.70
C ALA B 330 -30.20 -8.32 -13.48
N HIS B 331 -31.52 -8.31 -13.66
CA HIS B 331 -32.19 -9.44 -14.31
C HIS B 331 -32.15 -9.32 -15.85
N ASP B 332 -32.39 -10.43 -16.54
CA ASP B 332 -32.42 -10.49 -18.00
C ASP B 332 -31.01 -10.30 -18.58
N ASP B 333 -30.01 -10.78 -17.85
CA ASP B 333 -28.63 -10.82 -18.34
C ASP B 333 -28.48 -12.20 -18.94
N ALA B 334 -27.34 -12.49 -19.55
CA ALA B 334 -27.14 -13.79 -20.16
C ALA B 334 -25.64 -14.01 -20.37
N PRO B 335 -25.23 -15.27 -20.51
CA PRO B 335 -23.85 -15.55 -20.86
C PRO B 335 -23.40 -14.72 -22.06
N VAL B 336 -22.12 -14.41 -22.09
CA VAL B 336 -21.51 -13.72 -23.21
C VAL B 336 -21.91 -14.30 -24.56
N ALA B 337 -21.93 -15.62 -24.69
CA ALA B 337 -22.20 -16.27 -25.96
C ALA B 337 -23.63 -16.02 -26.46
N ASP B 338 -24.49 -15.49 -25.59
CA ASP B 338 -25.93 -15.42 -25.85
C ASP B 338 -26.48 -14.00 -25.80
N LEU B 339 -25.87 -13.16 -24.96
CA LEU B 339 -26.37 -11.82 -24.69
C LEU B 339 -26.67 -11.04 -25.98
N THR B 340 -27.86 -10.44 -26.07
CA THR B 340 -28.23 -9.61 -27.23
C THR B 340 -27.92 -8.16 -26.89
N LEU B 341 -27.92 -7.30 -27.90
CA LEU B 341 -27.71 -5.88 -27.68
C LEU B 341 -28.88 -5.23 -26.96
N GLY B 342 -30.10 -5.72 -27.21
CA GLY B 342 -31.27 -5.31 -26.46
C GLY B 342 -31.20 -5.56 -24.96
N GLN B 343 -30.75 -6.75 -24.58
CA GLN B 343 -30.57 -7.05 -23.16
C GLN B 343 -29.47 -6.18 -22.57
N LEU B 344 -28.42 -5.95 -23.33
CA LEU B 344 -27.30 -5.09 -22.91
C LEU B 344 -27.79 -3.68 -22.66
N ASP B 345 -28.61 -3.16 -23.58
CA ASP B 345 -29.15 -1.82 -23.45
C ASP B 345 -29.93 -1.67 -22.14
N ALA B 346 -30.78 -2.65 -21.86
CA ALA B 346 -31.65 -2.56 -20.69
C ALA B 346 -30.83 -2.60 -19.40
N LEU B 347 -29.69 -3.29 -19.43
CA LEU B 347 -28.79 -3.34 -18.27
C LEU B 347 -27.94 -2.07 -18.09
N MET B 348 -27.62 -1.41 -19.19
CA MET B 348 -26.76 -0.22 -19.15
C MET B 348 -27.55 1.02 -18.78
N ARG B 349 -28.84 1.02 -19.10
CA ARG B 349 -29.67 2.22 -19.01
C ARG B 349 -29.56 2.95 -17.67
N ALA B 350 -29.89 2.28 -16.57
CA ALA B 350 -29.93 2.97 -15.28
C ALA B 350 -28.53 3.27 -14.75
N LYS B 351 -27.51 2.80 -15.45
CA LYS B 351 -26.16 2.90 -14.92
C LYS B 351 -25.34 3.92 -15.69
N LEU B 352 -25.06 3.59 -16.96
CA LEU B 352 -24.31 4.48 -17.83
C LEU B 352 -25.11 5.75 -18.14
N THR B 353 -26.32 5.59 -18.66
CA THR B 353 -27.06 6.74 -19.16
C THR B 353 -27.51 7.65 -18.00
N ALA B 354 -27.97 7.02 -16.94
CA ALA B 354 -28.45 7.78 -15.77
C ALA B 354 -27.30 8.48 -15.04
N ALA B 355 -26.19 7.78 -14.83
CA ALA B 355 -25.05 8.38 -14.14
C ALA B 355 -24.47 9.54 -14.93
N ARG B 356 -24.39 9.40 -16.25
CA ARG B 356 -23.91 10.48 -17.11
C ARG B 356 -24.77 11.73 -17.01
N HIS B 357 -26.10 11.59 -17.05
CA HIS B 357 -26.99 12.70 -16.77
C HIS B 357 -26.74 13.30 -15.40
N LEU B 358 -26.65 12.45 -14.38
CA LEU B 358 -26.45 12.94 -13.02
C LEU B 358 -25.17 13.75 -12.92
N HIS B 359 -24.15 13.27 -13.60
CA HIS B 359 -22.86 13.93 -13.55
C HIS B 359 -22.97 15.30 -14.23
N GLU B 360 -23.55 15.32 -15.42
CA GLU B 360 -23.61 16.54 -16.22
C GLU B 360 -24.51 17.59 -15.60
N LEU B 361 -25.61 17.16 -14.99
CA LEU B 361 -26.56 18.10 -14.42
C LEU B 361 -26.11 18.68 -13.09
N THR B 362 -25.20 18.01 -12.38
CA THR B 362 -24.81 18.47 -11.06
C THR B 362 -23.37 18.95 -11.00
N ALA B 363 -22.67 18.93 -12.13
CA ALA B 363 -21.24 19.24 -12.16
C ALA B 363 -20.93 20.60 -11.53
N ASP B 364 -21.86 21.53 -11.68
CA ASP B 364 -21.65 22.92 -11.26
C ASP B 364 -22.27 23.23 -9.88
N LEU B 365 -22.69 22.21 -9.15
CA LEU B 365 -23.43 22.43 -7.92
C LEU B 365 -22.57 22.30 -6.67
N ASP B 366 -21.30 21.94 -6.83
CA ASP B 366 -20.40 21.79 -5.68
C ASP B 366 -20.96 20.83 -4.63
N LEU B 367 -21.32 19.64 -5.06
CA LEU B 367 -21.86 18.63 -4.17
C LEU B 367 -20.84 18.23 -3.11
N ASP B 368 -21.35 17.84 -1.96
CA ASP B 368 -20.56 17.21 -0.92
C ASP B 368 -20.31 15.73 -1.21
N ALA B 369 -21.27 15.07 -1.84
CA ALA B 369 -21.12 13.65 -2.15
C ALA B 369 -21.83 13.25 -3.45
N PHE B 370 -21.14 12.43 -4.24
CA PHE B 370 -21.69 11.86 -5.47
C PHE B 370 -21.36 10.37 -5.51
N VAL B 371 -22.27 9.57 -4.97
CA VAL B 371 -21.98 8.17 -4.62
C VAL B 371 -22.71 7.22 -5.58
N LEU B 372 -21.92 6.38 -6.25
CA LEU B 372 -22.44 5.45 -7.25
C LEU B 372 -22.38 4.01 -6.71
N PHE B 373 -23.51 3.32 -6.78
CA PHE B 373 -23.59 1.97 -6.26
C PHE B 373 -23.24 0.98 -7.36
N SER B 374 -22.06 0.41 -7.23
CA SER B 374 -21.53 -0.57 -8.17
C SER B 374 -21.67 -1.95 -7.55
N SER B 375 -20.92 -2.93 -8.07
CA SER B 375 -21.06 -4.31 -7.66
C SER B 375 -19.68 -4.98 -7.74
N THR B 376 -19.49 -6.04 -6.97
CA THR B 376 -18.34 -6.89 -7.14
C THR B 376 -18.29 -7.57 -8.50
N ALA B 377 -19.41 -7.60 -9.22
CA ALA B 377 -19.40 -8.11 -10.61
C ALA B 377 -18.51 -7.26 -11.51
N ALA B 378 -18.32 -6.01 -11.13
CA ALA B 378 -17.41 -5.10 -11.85
C ALA B 378 -15.99 -5.13 -11.28
N VAL B 379 -15.82 -5.66 -10.08
CA VAL B 379 -14.49 -5.70 -9.45
C VAL B 379 -13.70 -6.88 -10.00
N TRP B 380 -14.28 -8.09 -9.95
CA TRP B 380 -13.59 -9.30 -10.38
C TRP B 380 -14.36 -10.08 -11.46
N GLY B 381 -15.62 -9.76 -11.69
CA GLY B 381 -16.39 -10.40 -12.76
C GLY B 381 -17.30 -11.47 -12.22
N SER B 382 -18.41 -11.71 -12.90
CA SER B 382 -19.26 -12.86 -12.59
C SER B 382 -19.85 -13.51 -13.84
N GLY B 383 -19.63 -14.81 -13.96
CA GLY B 383 -20.13 -15.60 -15.07
C GLY B 383 -21.63 -15.56 -15.14
N GLY B 384 -22.16 -15.31 -16.33
CA GLY B 384 -23.58 -15.11 -16.54
C GLY B 384 -24.04 -13.65 -16.41
N HIS B 385 -23.12 -12.75 -16.06
CA HIS B 385 -23.51 -11.36 -15.80
C HIS B 385 -22.62 -10.34 -16.53
N PRO B 386 -22.40 -10.56 -17.84
CA PRO B 386 -21.58 -9.63 -18.60
C PRO B 386 -22.15 -8.20 -18.69
N GLY B 387 -23.44 -8.07 -18.89
CA GLY B 387 -24.05 -6.75 -19.07
C GLY B 387 -24.07 -5.96 -17.79
N TYR B 388 -24.31 -6.65 -16.68
CA TYR B 388 -24.32 -6.02 -15.37
C TYR B 388 -22.90 -5.61 -15.00
N ALA B 389 -21.93 -6.46 -15.36
CA ALA B 389 -20.53 -6.14 -15.04
C ALA B 389 -20.08 -4.91 -15.81
N ALA B 390 -20.47 -4.82 -17.09
CA ALA B 390 -20.09 -3.67 -17.90
C ALA B 390 -20.70 -2.39 -17.33
N ALA B 391 -22.00 -2.43 -17.05
CA ALA B 391 -22.71 -1.26 -16.56
C ALA B 391 -22.11 -0.75 -15.25
N ASN B 392 -21.74 -1.66 -14.34
CA ASN B 392 -21.18 -1.21 -13.07
C ASN B 392 -19.74 -0.77 -13.17
N ALA B 393 -19.00 -1.32 -14.14
CA ALA B 393 -17.63 -0.90 -14.38
C ALA B 393 -17.60 0.53 -14.92
N TYR B 394 -18.66 0.92 -15.63
CA TYR B 394 -18.79 2.33 -16.04
C TYR B 394 -18.82 3.25 -14.81
N LEU B 395 -19.61 2.88 -13.81
CA LEU B 395 -19.74 3.72 -12.63
C LEU B 395 -18.40 3.90 -11.92
N ASP B 396 -17.65 2.82 -11.73
CA ASP B 396 -16.33 2.93 -11.09
C ASP B 396 -15.44 3.91 -11.87
N ALA B 397 -15.44 3.78 -13.19
CA ALA B 397 -14.58 4.59 -14.02
C ALA B 397 -15.03 6.06 -13.99
N LEU B 398 -16.34 6.28 -13.99
CA LEU B 398 -16.87 7.63 -13.93
C LEU B 398 -16.46 8.35 -12.64
N ALA B 399 -16.39 7.63 -11.53
CA ALA B 399 -15.95 8.24 -10.29
C ALA B 399 -14.49 8.71 -10.35
N GLU B 400 -13.62 7.88 -10.91
CA GLU B 400 -12.21 8.27 -11.14
C GLU B 400 -12.11 9.45 -12.09
N HIS B 401 -12.93 9.43 -13.14
CA HIS B 401 -12.95 10.52 -14.10
C HIS B 401 -13.33 11.82 -13.43
N ARG B 402 -14.40 11.78 -12.63
CA ARG B 402 -14.86 12.99 -11.93
C ARG B 402 -13.79 13.58 -11.01
N ARG B 403 -13.07 12.74 -10.28
CA ARG B 403 -11.96 13.18 -9.43
C ARG B 403 -10.86 13.93 -10.19
N SER B 404 -10.55 13.47 -11.40
CA SER B 404 -9.56 14.17 -12.24
C SER B 404 -10.02 15.57 -12.67
N LEU B 405 -11.33 15.78 -12.74
CA LEU B 405 -11.91 17.11 -13.02
C LEU B 405 -12.07 17.97 -11.77
N GLY B 406 -11.72 17.42 -10.62
CA GLY B 406 -11.81 18.16 -9.38
C GLY B 406 -13.17 18.05 -8.74
N LEU B 407 -14.00 17.12 -9.21
CA LEU B 407 -15.33 16.89 -8.64
C LEU B 407 -15.30 15.74 -7.64
N THR B 408 -16.13 15.81 -6.59
CA THR B 408 -16.28 14.68 -5.69
C THR B 408 -17.00 13.50 -6.36
N ALA B 409 -16.59 12.29 -5.99
CA ALA B 409 -17.25 11.07 -6.40
C ALA B 409 -16.72 9.91 -5.59
N SER B 410 -17.59 8.92 -5.41
CA SER B 410 -17.23 7.67 -4.78
C SER B 410 -18.03 6.57 -5.46
N SER B 411 -17.36 5.49 -5.82
CA SER B 411 -18.03 4.30 -6.31
C SER B 411 -17.86 3.19 -5.32
N VAL B 412 -18.99 2.66 -4.83
CA VAL B 412 -18.96 1.56 -3.87
C VAL B 412 -19.43 0.29 -4.55
N ALA B 413 -18.52 -0.68 -4.67
CA ALA B 413 -18.88 -1.95 -5.27
C ALA B 413 -19.32 -2.92 -4.17
N TRP B 414 -20.63 -3.06 -4.04
CA TRP B 414 -21.21 -3.91 -3.02
C TRP B 414 -21.03 -5.36 -3.37
N GLY B 415 -20.73 -6.18 -2.36
CA GLY B 415 -20.98 -7.60 -2.41
C GLY B 415 -22.46 -7.91 -2.37
N THR B 416 -22.85 -8.75 -1.43
CA THR B 416 -24.22 -9.22 -1.34
C THR B 416 -24.81 -8.67 -0.05
N TRP B 417 -25.93 -7.97 -0.16
CA TRP B 417 -26.67 -7.53 1.02
C TRP B 417 -27.63 -8.63 1.49
N GLY B 418 -27.77 -8.76 2.82
CA GLY B 418 -28.87 -9.51 3.40
C GLY B 418 -30.06 -8.61 3.69
N GLU B 419 -31.22 -9.23 3.89
CA GLU B 419 -32.41 -8.58 4.48
C GLU B 419 -33.23 -7.79 3.46
N VAL B 420 -32.55 -6.96 2.66
CA VAL B 420 -33.24 -6.14 1.67
C VAL B 420 -32.51 -6.23 0.34
N GLY B 421 -33.27 -6.03 -0.72
CA GLY B 421 -32.71 -5.81 -2.06
C GLY B 421 -32.68 -7.05 -2.91
N MET B 422 -31.87 -7.01 -3.95
CA MET B 422 -31.95 -7.92 -5.09
C MET B 422 -31.69 -9.37 -4.67
N ALA B 423 -30.81 -9.52 -3.68
CA ALA B 423 -30.12 -10.79 -3.47
C ALA B 423 -30.79 -11.62 -2.38
N THR B 424 -32.02 -11.29 -2.03
CA THR B 424 -32.69 -11.97 -0.94
C THR B 424 -33.53 -13.18 -1.41
N ASP B 425 -33.61 -13.41 -2.71
CA ASP B 425 -34.12 -14.70 -3.23
C ASP B 425 -33.20 -15.85 -2.80
N PRO B 426 -33.79 -16.92 -2.22
CA PRO B 426 -32.97 -17.99 -1.65
C PRO B 426 -32.09 -18.71 -2.66
N GLU B 427 -32.56 -18.88 -3.89
CA GLU B 427 -31.81 -19.61 -4.93
C GLU B 427 -30.57 -18.81 -5.36
N VAL B 428 -30.75 -17.49 -5.44
CA VAL B 428 -29.64 -16.56 -5.70
C VAL B 428 -28.69 -16.53 -4.52
N HIS B 429 -29.26 -16.35 -3.32
CA HIS B 429 -28.53 -16.41 -2.07
C HIS B 429 -27.68 -17.67 -1.97
N ASP B 430 -28.27 -18.82 -2.29
CA ASP B 430 -27.56 -20.10 -2.15
C ASP B 430 -26.39 -20.16 -3.11
N ARG B 431 -26.61 -19.71 -4.33
CA ARG B 431 -25.57 -19.72 -5.35
C ARG B 431 -24.39 -18.88 -4.87
N LEU B 432 -24.68 -17.72 -4.28
CA LEU B 432 -23.64 -16.80 -3.82
C LEU B 432 -22.86 -17.34 -2.63
N VAL B 433 -23.58 -17.84 -1.62
CA VAL B 433 -22.93 -18.43 -0.45
C VAL B 433 -22.00 -19.57 -0.83
N ARG B 434 -22.42 -20.34 -1.83
CA ARG B 434 -21.60 -21.42 -2.39
C ARG B 434 -20.33 -20.94 -3.09
N GLN B 435 -20.35 -19.72 -3.66
CA GLN B 435 -19.14 -19.11 -4.21
C GLN B 435 -18.33 -18.32 -3.17
N GLY B 436 -18.89 -18.17 -1.98
CA GLY B 436 -18.20 -17.54 -0.86
C GLY B 436 -18.40 -16.03 -0.78
N VAL B 437 -19.39 -15.54 -1.49
CA VAL B 437 -19.79 -14.13 -1.38
C VAL B 437 -20.99 -14.05 -0.48
N LEU B 438 -20.75 -13.71 0.78
CA LEU B 438 -21.74 -13.90 1.84
C LEU B 438 -22.57 -12.63 2.00
N ALA B 439 -23.75 -12.79 2.59
CA ALA B 439 -24.69 -11.70 2.75
C ALA B 439 -24.31 -10.82 3.93
N MET B 440 -24.13 -9.53 3.69
CA MET B 440 -23.84 -8.57 4.74
C MET B 440 -25.09 -8.15 5.49
N GLU B 441 -24.96 -7.94 6.80
CA GLU B 441 -25.98 -7.22 7.55
C GLU B 441 -26.00 -5.74 7.14
N PRO B 442 -27.22 -5.18 6.94
CA PRO B 442 -27.29 -3.81 6.44
C PRO B 442 -26.55 -2.79 7.29
N GLU B 443 -26.59 -2.94 8.62
CA GLU B 443 -25.91 -1.99 9.50
C GLU B 443 -24.41 -2.01 9.29
N HIS B 444 -23.85 -3.19 9.04
CA HIS B 444 -22.41 -3.31 8.84
C HIS B 444 -22.05 -2.72 7.47
N ALA B 445 -22.85 -3.03 6.45
CA ALA B 445 -22.57 -2.52 5.10
C ALA B 445 -22.61 -0.99 5.12
N LEU B 446 -23.65 -0.43 5.74
CA LEU B 446 -23.78 1.02 5.80
C LEU B 446 -22.67 1.65 6.63
N GLY B 447 -22.25 0.98 7.70
CA GLY B 447 -21.17 1.48 8.52
C GLY B 447 -19.88 1.53 7.72
N ALA B 448 -19.64 0.51 6.91
CA ALA B 448 -18.44 0.49 6.08
C ALA B 448 -18.51 1.60 5.02
N LEU B 449 -19.71 1.85 4.50
CA LEU B 449 -19.89 2.97 3.58
C LEU B 449 -19.50 4.30 4.21
N ASP B 450 -19.97 4.54 5.42
CA ASP B 450 -19.64 5.77 6.12
C ASP B 450 -18.13 5.91 6.34
N GLN B 451 -17.45 4.80 6.64
CA GLN B 451 -15.97 4.82 6.74
C GLN B 451 -15.36 5.31 5.43
N MET B 452 -15.82 4.71 4.33
CA MET B 452 -15.36 5.10 3.00
C MET B 452 -15.57 6.60 2.76
N LEU B 453 -16.74 7.10 3.12
CA LEU B 453 -17.05 8.50 2.86
C LEU B 453 -16.28 9.43 3.81
N GLU B 454 -16.03 8.97 5.03
CA GLU B 454 -15.23 9.77 5.97
C GLU B 454 -13.76 9.85 5.51
N ASN B 455 -13.24 8.77 4.92
CA ASN B 455 -11.90 8.80 4.29
C ASN B 455 -11.88 9.56 2.97
N ASP B 456 -13.06 9.77 2.40
CA ASP B 456 -13.20 10.33 1.06
C ASP B 456 -12.49 9.51 -0.02
N ASP B 457 -12.69 8.19 0.02
CA ASP B 457 -12.09 7.30 -0.97
C ASP B 457 -12.86 7.43 -2.28
N THR B 458 -12.14 7.27 -3.37
CA THR B 458 -12.75 7.33 -4.71
C THR B 458 -13.51 6.05 -5.04
N ALA B 459 -12.90 4.90 -4.79
CA ALA B 459 -13.51 3.62 -5.12
C ALA B 459 -13.14 2.55 -4.11
N ALA B 460 -14.13 1.78 -3.68
CA ALA B 460 -13.89 0.65 -2.80
C ALA B 460 -14.91 -0.43 -3.03
N ALA B 461 -14.53 -1.67 -2.73
CA ALA B 461 -15.48 -2.75 -2.64
C ALA B 461 -15.85 -2.99 -1.18
N ILE B 462 -17.13 -3.23 -0.94
CA ILE B 462 -17.60 -3.53 0.39
C ILE B 462 -18.36 -4.83 0.37
N THR B 463 -17.76 -5.87 0.95
CA THR B 463 -18.20 -7.24 0.70
C THR B 463 -17.68 -8.16 1.80
N LEU B 464 -18.54 -9.09 2.23
CA LEU B 464 -18.17 -10.14 3.18
C LEU B 464 -17.84 -11.44 2.45
N MET B 465 -16.59 -11.88 2.58
CA MET B 465 -16.07 -12.96 1.77
C MET B 465 -15.77 -14.17 2.64
N ASP B 466 -15.96 -15.36 2.08
CA ASP B 466 -15.25 -16.56 2.54
C ASP B 466 -14.23 -16.95 1.49
N TRP B 467 -12.99 -16.53 1.69
CA TRP B 467 -11.95 -16.70 0.69
C TRP B 467 -11.60 -18.17 0.41
N GLU B 468 -11.83 -19.04 1.40
CA GLU B 468 -11.56 -20.46 1.21
C GLU B 468 -12.55 -21.06 0.23
N MET B 469 -13.75 -20.51 0.16
CA MET B 469 -14.72 -20.92 -0.86
C MET B 469 -14.45 -20.18 -2.17
N PHE B 470 -14.27 -18.86 -2.08
CA PHE B 470 -14.23 -18.02 -3.27
C PHE B 470 -12.99 -18.28 -4.14
N ALA B 471 -11.80 -18.30 -3.54
CA ALA B 471 -10.57 -18.36 -4.34
C ALA B 471 -10.49 -19.60 -5.26
N PRO B 472 -10.82 -20.79 -4.75
CA PRO B 472 -10.73 -21.98 -5.60
C PRO B 472 -11.79 -22.02 -6.69
N ALA B 473 -12.97 -21.51 -6.39
CA ALA B 473 -14.03 -21.43 -7.39
C ALA B 473 -13.65 -20.41 -8.47
N PHE B 474 -13.09 -19.28 -8.05
CA PHE B 474 -12.77 -18.19 -8.99
C PHE B 474 -11.65 -18.59 -9.96
N THR B 475 -10.67 -19.34 -9.45
CA THR B 475 -9.47 -19.63 -10.20
C THR B 475 -9.44 -21.07 -10.76
N ALA B 476 -10.60 -21.72 -10.79
CA ALA B 476 -10.69 -23.13 -11.17
C ALA B 476 -10.10 -23.38 -12.56
N ASN B 477 -10.26 -22.41 -13.46
CA ASN B 477 -10.03 -22.61 -14.89
C ASN B 477 -8.85 -21.81 -15.41
N ARG B 478 -8.30 -20.98 -14.54
CA ARG B 478 -7.46 -19.89 -14.94
C ARG B 478 -6.98 -19.15 -13.70
N PRO B 479 -5.66 -18.99 -13.55
CA PRO B 479 -5.20 -18.25 -12.39
C PRO B 479 -5.65 -16.80 -12.44
N SER B 480 -5.69 -16.15 -11.28
CA SER B 480 -6.04 -14.75 -11.20
C SER B 480 -4.95 -13.98 -10.45
N ALA B 481 -4.15 -13.22 -11.19
CA ALA B 481 -3.15 -12.36 -10.58
C ALA B 481 -3.80 -11.30 -9.69
N LEU B 482 -5.04 -10.93 -10.03
CA LEU B 482 -5.83 -9.98 -9.27
C LEU B 482 -5.81 -10.30 -7.77
N LEU B 483 -5.88 -11.58 -7.44
CA LEU B 483 -6.09 -12.03 -6.06
C LEU B 483 -4.78 -12.36 -5.34
N SER B 484 -3.66 -12.22 -6.03
CA SER B 484 -2.35 -12.55 -5.46
C SER B 484 -2.01 -11.65 -4.26
N THR B 485 -2.74 -10.54 -4.13
CA THR B 485 -2.46 -9.57 -3.07
C THR B 485 -3.44 -9.68 -1.89
N VAL B 486 -4.33 -10.68 -1.95
CA VAL B 486 -5.19 -11.02 -0.82
C VAL B 486 -4.65 -12.27 -0.14
N PRO B 487 -4.06 -12.13 1.06
CA PRO B 487 -3.34 -13.26 1.65
C PRO B 487 -4.23 -14.47 1.88
N GLU B 488 -5.50 -14.25 2.22
CA GLU B 488 -6.44 -15.34 2.42
C GLU B 488 -6.70 -16.10 1.13
N ALA B 489 -6.67 -15.40 0.01
CA ALA B 489 -6.82 -16.05 -1.29
C ALA B 489 -5.60 -16.89 -1.63
N VAL B 490 -4.43 -16.30 -1.42
CA VAL B 490 -3.19 -17.02 -1.64
C VAL B 490 -3.16 -18.27 -0.77
N SER B 491 -3.51 -18.10 0.51
CA SER B 491 -3.50 -19.21 1.46
C SER B 491 -4.50 -20.32 1.10
N ALA B 492 -5.70 -19.94 0.66
CA ALA B 492 -6.69 -20.91 0.18
C ALA B 492 -6.16 -21.79 -0.95
N LEU B 493 -5.29 -21.24 -1.79
CA LEU B 493 -4.87 -21.93 -3.01
C LEU B 493 -3.58 -22.75 -2.83
N SER B 494 -2.90 -22.60 -1.70
CA SER B 494 -1.65 -23.33 -1.44
C SER B 494 -1.89 -24.83 -1.36
PA NAP C . 28.26 -13.29 12.71
O1A NAP C . 28.46 -14.60 11.98
O2A NAP C . 28.66 -13.16 14.14
O5B NAP C . 28.95 -12.15 11.82
C5B NAP C . 29.33 -10.94 12.44
C4B NAP C . 30.65 -10.50 11.85
O4B NAP C . 30.99 -9.18 12.30
C3B NAP C . 31.77 -11.43 12.31
O3B NAP C . 32.58 -11.73 11.14
C2B NAP C . 32.54 -10.62 13.34
O2B NAP C . 33.91 -11.06 13.38
C1B NAP C . 32.34 -9.21 12.77
N9A NAP C . 32.55 -8.12 13.74
C8A NAP C . 31.95 -7.96 14.93
N7A NAP C . 32.31 -6.77 15.47
C5A NAP C . 33.15 -6.17 14.61
C6A NAP C . 33.93 -4.91 14.57
N6A NAP C . 33.93 -4.05 15.62
N1A NAP C . 34.68 -4.68 13.48
C2A NAP C . 34.69 -5.52 12.43
N3A NAP C . 34.05 -6.68 12.43
C4A NAP C . 33.29 -7.06 13.47
O3 NAP C . 26.71 -12.80 12.62
PN NAP C . 25.80 -12.80 11.29
O1N NAP C . 24.56 -13.60 11.64
O2N NAP C . 26.59 -13.11 10.06
O5D NAP C . 25.33 -11.27 11.22
C5D NAP C . 25.84 -10.42 10.21
C4D NAP C . 25.10 -9.11 10.29
O4D NAP C . 23.73 -9.39 10.08
C3D NAP C . 25.27 -8.47 11.66
O3D NAP C . 25.49 -7.09 11.49
C2D NAP C . 23.94 -8.74 12.36
O2D NAP C . 23.52 -7.73 13.28
C1D NAP C . 22.97 -8.85 11.18
N1N NAP C . 21.80 -9.69 11.49
C2N NAP C . 21.87 -11.03 11.48
C3N NAP C . 20.72 -11.82 11.62
C7N NAP C . 20.78 -13.32 11.63
O7N NAP C . 19.73 -13.96 11.65
N7N NAP C . 21.95 -13.96 11.59
C4N NAP C . 19.41 -11.17 11.97
C5N NAP C . 19.48 -9.72 11.96
C6N NAP C . 20.67 -9.04 11.79
P2B NAP C . 34.95 -10.69 14.58
O1X NAP C . 36.16 -11.50 14.18
O2X NAP C . 35.05 -9.18 14.50
O3X NAP C . 34.32 -11.13 15.85
O1 8H6 D . 9.82 -8.69 23.21
O17 8H6 D . 6.86 -10.79 19.72
C5 8H6 D . 7.96 -10.43 20.07
C4 8H6 D . 8.28 -10.55 21.55
C3 8H6 D . 7.65 -9.50 22.48
C15 8H6 D . 6.37 -9.96 23.17
C2 8H6 D . 8.55 -9.16 23.66
C14 8H6 D . 7.36 -8.26 21.64
O16 8H6 D . 7.75 -11.82 21.98
N6 8H6 D . 8.70 -9.92 19.16
C7 8H6 D . 10.13 -9.64 18.92
C8 8H6 D . 10.38 -10.28 17.53
C9 8H6 D . 11.79 -10.27 16.97
O18 8H6 D . 12.09 -9.70 15.89
N10 8H6 D . 12.48 -11.20 17.44
C11 8H6 D . 13.84 -11.62 17.16
C12 8H6 D . 14.27 -10.92 15.90
S13 8H6 D . 15.33 -9.60 16.37
C19 8H6 D . 16.75 -10.34 16.03
O24 8H6 D . 17.00 -10.55 14.85
C20 8H6 D . 17.39 -11.12 17.14
C26 8H6 D . 17.27 -10.30 18.43
C21 8H6 D . 18.80 -11.44 16.74
O25 8H6 D . 19.17 -11.07 15.64
C22 8H6 D . 19.64 -12.47 17.46
C23 8H6 D . 19.37 -12.45 18.96
PA NAP E . -33.67 -3.11 -5.76
O1A NAP E . -34.29 -3.33 -4.41
O2A NAP E . -34.17 -3.78 -6.98
O5B NAP E . -33.61 -1.56 -6.06
C5B NAP E . -33.29 -1.13 -7.37
C4B NAP E . -34.01 0.20 -7.56
O4B NAP E . -33.68 0.77 -8.83
C3B NAP E . -35.51 -0.03 -7.52
O3B NAP E . -36.07 0.92 -6.59
C2B NAP E . -35.97 0.19 -8.95
O2B NAP E . -37.32 0.66 -8.98
C1B NAP E . -34.92 1.20 -9.41
N9A NAP E . -34.72 1.29 -10.84
C8A NAP E . -34.49 0.29 -11.70
N7A NAP E . -34.24 0.80 -12.92
C5A NAP E . -34.45 2.14 -12.86
C6A NAP E . -34.47 3.26 -13.82
N6A NAP E . -34.17 3.08 -15.12
N1A NAP E . -34.70 4.48 -13.32
C2A NAP E . -34.93 4.73 -12.02
N3A NAP E . -35.00 3.72 -11.12
C4A NAP E . -34.73 2.45 -11.47
O3 NAP E . -32.08 -3.50 -5.71
PN NAP E . -31.04 -3.19 -4.54
O1N NAP E . -30.54 -4.51 -4.00
O2N NAP E . -31.60 -2.13 -3.60
O5D NAP E . -29.87 -2.58 -5.42
C5D NAP E . -29.50 -1.20 -5.31
C4D NAP E . -28.23 -0.97 -6.10
O4D NAP E . -27.17 -1.71 -5.52
C3D NAP E . -28.38 -1.47 -7.54
O3D NAP E . -27.86 -0.49 -8.44
C2D NAP E . -27.54 -2.72 -7.61
O2D NAP E . -26.97 -2.86 -8.90
C1D NAP E . -26.50 -2.49 -6.53
N1N NAP E . -26.04 -3.77 -5.96
C2N NAP E . -26.83 -4.46 -5.11
C3N NAP E . -26.37 -5.62 -4.47
C7N NAP E . -27.23 -6.44 -3.53
O7N NAP E . -26.69 -7.40 -2.99
N7N NAP E . -28.50 -6.10 -3.28
C4N NAP E . -25.03 -6.18 -4.84
C5N NAP E . -24.31 -5.38 -5.81
C6N NAP E . -24.81 -4.19 -6.28
P2B NAP E . -38.24 0.61 -10.31
O1X NAP E . -39.60 1.06 -9.77
O2X NAP E . -37.59 1.61 -11.25
O3X NAP E . -38.23 -0.79 -10.78
O1 8H6 F . -18.36 -16.92 -12.85
O17 8H6 F . -16.27 -17.33 -8.26
C5 8H6 F . -17.10 -16.85 -8.99
C4 8H6 F . -17.70 -17.78 -10.04
C3 8H6 F . -16.87 -18.02 -11.31
C15 8H6 F . -16.09 -19.33 -11.30
C2 8H6 F . -17.76 -18.17 -12.54
C14 8H6 F . -15.92 -16.85 -11.47
O16 8H6 F . -17.82 -19.07 -9.42
N6 8H6 F . -17.27 -15.58 -8.94
C7 8H6 F . -18.28 -14.56 -9.23
C8 8H6 F . -18.22 -13.70 -7.95
C9 8H6 F . -19.38 -12.75 -7.68
O18 8H6 F . -19.25 -11.56 -7.35
N10 8H6 F . -20.46 -13.36 -7.53
C11 8H6 F . -21.80 -12.86 -7.26
C12 8H6 F . -21.71 -11.43 -6.78
S13 8H6 F . -21.88 -10.40 -8.19
C19 8H6 F . -23.33 -9.67 -7.93
O24 8H6 F . -23.41 -8.77 -7.10
C20 8H6 F . -24.51 -10.43 -8.45
C26 8H6 F . -24.25 -10.76 -9.91
C21 8H6 F . -25.76 -9.64 -8.24
O25 8H6 F . -25.65 -8.52 -7.75
C22 8H6 F . -27.09 -10.34 -8.33
C23 8H6 F . -27.06 -11.40 -9.40
#